data_3EDJ
#
_entry.id   3EDJ
#
_cell.length_a   106.464
_cell.length_b   111.107
_cell.length_c   106.793
_cell.angle_alpha   90.000
_cell.angle_beta   90.000
_cell.angle_gamma   90.000
#
_symmetry.space_group_name_H-M   'P 21 21 2'
#
loop_
_entity.id
_entity.type
_entity.pdbx_description
1 polymer Cyclomaltodextrinase
2 branched Cycloheptakis-(1-4)-(alpha-D-glucopyranose)
3 non-polymer 'CALCIUM ION'
4 non-polymer GLYCEROL
5 water water
#
_entity_poly.entity_id   1
_entity_poly.type   'polypeptide(L)'
_entity_poly.pdbx_seq_one_letter_code
;AAPTAIEHMEPPFWWAGMQHKGLQLMVHGRDIGRMEAALDYPGVRLVSPTRVPNANYLFVDLEIGPEAQPGSFDIVFKGD
GRSERYRYRLLAREQGSAQRQGFGPGDAIYQIMPDRFANGDPSNDNVAGMREQADRRHGGGRHGGDIRGTIDHLDYIAGL
GFTQLWPTPLVENDAAAYSYHGYAATDHYRIDPRYGSNEDFVRLSTEARKRGMGLIQDVVLSHIGKHHWWMKDLPTPDWI
NYGGKFVPTQHHRVAVQDPYAAQADSENFTKGWFVEGMPDLNQTNPLVANYLIQNNIWWIEYAGLSGLRIDTYGYSDGAF
LTEYTRRLMAEYPRLNMVGQEWSTRVPVVARWQRGKANFDGYTSHLPSLMDFPLVDAMRNALSKTGEENGLNEVYETLSL
DYLYPEPQNLVLFGGNHDMARMFSAAGEDFDRWRMNLVFLMTMPRIPQFYSGDEILMTSTVKGRDDASYRRDFPGGWAGD
KANAFSGAGLTSQQRAAQDLVRKLANWRKNQPVIHNGRLMHFGPEENTWVYFRYNKDKRIMVAMNNNDKPMTLPTARFQE
MLKGAPSGVDFLSGKTVGLGRELRLAPKSVVVIELPGLPEA
;
_entity_poly.pdbx_strand_id   A,B
#
# COMPACT_ATOMS: atom_id res chain seq x y z
N PRO A 3 -16.70 -21.69 48.08
CA PRO A 3 -15.62 -20.70 47.98
C PRO A 3 -15.47 -19.85 49.28
N THR A 4 -14.23 -19.42 49.54
CA THR A 4 -13.85 -18.84 50.85
C THR A 4 -13.50 -17.34 50.79
N ALA A 5 -13.99 -16.59 51.79
CA ALA A 5 -13.60 -15.20 52.04
C ALA A 5 -13.62 -14.32 50.78
N ILE A 6 -12.59 -13.51 50.63
CA ILE A 6 -12.33 -12.80 49.38
C ILE A 6 -11.24 -13.56 48.67
N GLU A 7 -11.59 -14.09 47.50
CA GLU A 7 -10.69 -14.93 46.73
C GLU A 7 -9.79 -14.12 45.79
N HIS A 8 -10.34 -13.10 45.16
CA HIS A 8 -9.50 -12.20 44.32
C HIS A 8 -9.88 -10.75 44.61
N MET A 9 -8.88 -9.88 44.68
CA MET A 9 -9.10 -8.43 44.77
C MET A 9 -8.16 -7.79 43.73
N GLU A 10 -8.74 -7.13 42.73
CA GLU A 10 -7.97 -6.69 41.57
C GLU A 10 -8.36 -5.30 41.11
N PRO A 11 -7.37 -4.40 41.01
CA PRO A 11 -5.97 -4.61 41.37
C PRO A 11 -5.81 -4.75 42.92
N PRO A 12 -4.76 -5.47 43.36
CA PRO A 12 -4.60 -5.81 44.80
C PRO A 12 -4.13 -4.64 45.67
N PHE A 13 -3.62 -3.60 45.01
CA PHE A 13 -3.18 -2.37 45.65
C PHE A 13 -3.02 -1.35 44.52
N TRP A 14 -2.85 -0.08 44.89
CA TRP A 14 -2.74 0.99 43.87
C TRP A 14 -1.73 2.02 44.36
N TRP A 15 -1.80 3.24 43.79
CA TRP A 15 -0.86 4.29 44.09
C TRP A 15 -1.58 5.59 44.33
N ALA A 16 -1.03 6.39 45.26
CA ALA A 16 -1.41 7.79 45.34
C ALA A 16 -0.79 8.57 44.18
N GLY A 17 -1.47 9.60 43.71
CA GLY A 17 -0.86 10.50 42.73
C GLY A 17 -0.86 10.02 41.28
N MET A 18 -1.80 9.15 40.92
CA MET A 18 -1.94 8.77 39.51
C MET A 18 -2.65 9.89 38.72
N GLN A 19 -2.52 9.87 37.39
CA GLN A 19 -3.21 10.86 36.57
C GLN A 19 -4.74 10.72 36.65
N HIS A 20 -5.23 9.51 36.44
CA HIS A 20 -6.65 9.23 36.47
C HIS A 20 -7.02 8.93 37.92
N LYS A 21 -7.99 9.65 38.45
CA LYS A 21 -8.31 9.53 39.87
C LYS A 21 -9.13 8.27 40.18
N GLY A 22 -9.92 7.83 39.21
CA GLY A 22 -10.83 6.68 39.39
C GLY A 22 -10.06 5.38 39.56
N LEU A 23 -10.59 4.52 40.43
CA LEU A 23 -10.08 3.17 40.59
C LEU A 23 -11.28 2.23 40.80
N GLN A 24 -11.38 1.21 39.95
CA GLN A 24 -12.47 0.24 40.05
C GLN A 24 -11.90 -1.09 40.53
N LEU A 25 -12.29 -1.51 41.73
CA LEU A 25 -11.86 -2.80 42.26
C LEU A 25 -12.86 -3.87 41.85
N MET A 26 -12.32 -4.96 41.31
CA MET A 26 -13.11 -6.10 41.01
C MET A 26 -12.84 -7.09 42.14
N VAL A 27 -13.91 -7.39 42.91
CA VAL A 27 -13.76 -8.22 44.10
C VAL A 27 -14.50 -9.54 43.82
N HIS A 28 -13.86 -10.65 44.18
CA HIS A 28 -14.45 -11.97 43.91
C HIS A 28 -14.38 -12.82 45.17
N GLY A 29 -15.54 -13.36 45.54
CA GLY A 29 -15.67 -14.29 46.68
C GLY A 29 -17.12 -14.75 46.76
N ARG A 30 -17.36 -15.87 47.44
CA ARG A 30 -18.74 -16.39 47.54
C ARG A 30 -19.68 -15.36 48.18
N ASP A 31 -20.74 -15.02 47.46
CA ASP A 31 -21.75 -14.03 47.88
C ASP A 31 -21.22 -12.64 48.21
N ILE A 32 -20.05 -12.30 47.67
CA ILE A 32 -19.43 -10.99 47.92
C ILE A 32 -20.33 -9.90 47.32
N GLY A 33 -21.03 -10.23 46.24
CA GLY A 33 -22.03 -9.35 45.62
C GLY A 33 -23.23 -9.02 46.52
N ARG A 34 -23.50 -9.86 47.50
CA ARG A 34 -24.61 -9.63 48.44
C ARG A 34 -24.25 -8.58 49.50
N MET A 35 -23.02 -8.08 49.43
CA MET A 35 -22.49 -7.23 50.50
C MET A 35 -22.37 -5.78 50.10
N GLU A 36 -22.18 -4.94 51.12
CA GLU A 36 -22.03 -3.50 50.96
C GLU A 36 -20.65 -3.09 51.43
N ALA A 37 -19.90 -2.39 50.59
CA ALA A 37 -18.55 -1.93 50.94
C ALA A 37 -18.60 -0.63 51.74
N ALA A 38 -17.55 -0.42 52.55
CA ALA A 38 -17.38 0.78 53.38
C ALA A 38 -15.91 1.02 53.62
N LEU A 39 -15.52 2.28 53.68
CA LEU A 39 -14.12 2.66 53.95
C LEU A 39 -14.03 4.06 54.53
N ASP A 40 -12.90 4.38 55.16
CA ASP A 40 -12.65 5.71 55.72
C ASP A 40 -11.18 6.09 55.58
N TYR A 41 -10.86 6.90 54.56
CA TYR A 41 -9.48 7.33 54.32
C TYR A 41 -9.49 8.69 53.64
N PRO A 42 -8.78 9.68 54.21
CA PRO A 42 -8.83 11.05 53.64
C PRO A 42 -8.44 11.05 52.15
N GLY A 43 -9.25 11.69 51.33
CA GLY A 43 -8.98 11.81 49.90
C GLY A 43 -9.55 10.68 49.05
N VAL A 44 -9.97 9.58 49.69
CA VAL A 44 -10.58 8.49 48.92
C VAL A 44 -12.08 8.53 49.13
N ARG A 45 -12.84 8.58 48.03
CA ARG A 45 -14.30 8.54 48.06
C ARG A 45 -14.86 7.24 47.45
N LEU A 46 -15.79 6.60 48.17
CA LEU A 46 -16.50 5.41 47.69
C LEU A 46 -17.76 5.85 46.96
N VAL A 47 -17.79 5.58 45.65
CA VAL A 47 -18.80 6.16 44.76
C VAL A 47 -20.25 5.78 45.08
N SER A 48 -20.50 4.47 45.22
CA SER A 48 -21.82 3.92 45.57
C SER A 48 -22.17 2.85 44.53
N PRO A 49 -22.58 1.67 45.01
CA PRO A 49 -22.58 0.44 44.22
C PRO A 49 -23.38 0.49 42.93
N THR A 50 -22.83 -0.15 41.90
CA THR A 50 -23.60 -0.55 40.73
C THR A 50 -23.48 -2.08 40.67
N ARG A 51 -24.58 -2.76 40.99
CA ARG A 51 -24.59 -4.22 41.15
C ARG A 51 -24.53 -4.96 39.83
N VAL A 52 -23.99 -6.18 39.89
CA VAL A 52 -24.10 -7.16 38.81
C VAL A 52 -24.92 -8.34 39.35
N PRO A 53 -25.69 -9.02 38.47
CA PRO A 53 -26.50 -10.17 38.92
C PRO A 53 -25.72 -11.31 39.58
N ASN A 54 -24.45 -11.51 39.22
CA ASN A 54 -23.64 -12.58 39.83
C ASN A 54 -23.25 -12.27 41.26
N ALA A 55 -23.81 -13.05 42.20
CA ALA A 55 -23.57 -12.84 43.62
C ALA A 55 -22.13 -13.08 44.07
N ASN A 56 -21.29 -13.61 43.18
CA ASN A 56 -19.90 -13.91 43.52
C ASN A 56 -18.88 -12.83 43.13
N TYR A 57 -19.38 -11.73 42.59
CA TYR A 57 -18.54 -10.59 42.21
C TYR A 57 -19.12 -9.28 42.70
N LEU A 58 -18.23 -8.38 43.10
CA LEU A 58 -18.59 -7.02 43.49
C LEU A 58 -17.58 -6.05 42.86
N PHE A 59 -18.10 -5.04 42.16
CA PHE A 59 -17.26 -3.96 41.65
C PHE A 59 -17.36 -2.76 42.58
N VAL A 60 -16.23 -2.34 43.12
CA VAL A 60 -16.18 -1.21 44.05
C VAL A 60 -15.55 -0.01 43.33
N ASP A 61 -16.31 1.08 43.20
CA ASP A 61 -15.85 2.29 42.51
C ASP A 61 -15.30 3.36 43.47
N LEU A 62 -14.01 3.67 43.35
CA LEU A 62 -13.32 4.63 44.22
C LEU A 62 -12.86 5.83 43.39
N GLU A 63 -12.86 7.01 44.01
CA GLU A 63 -12.21 8.15 43.40
C GLU A 63 -11.09 8.58 44.34
N ILE A 64 -9.86 8.50 43.88
CA ILE A 64 -8.71 8.76 44.71
C ILE A 64 -8.28 10.17 44.35
N GLY A 65 -8.67 11.13 45.20
CA GLY A 65 -8.34 12.55 44.97
C GLY A 65 -6.87 12.86 45.04
N PRO A 66 -6.46 14.02 44.47
CA PRO A 66 -5.07 14.39 44.49
C PRO A 66 -4.58 14.61 45.93
N GLU A 67 -5.52 14.77 46.86
CA GLU A 67 -5.17 14.97 48.26
C GLU A 67 -4.91 13.66 49.05
N ALA A 68 -5.26 12.52 48.46
CA ALA A 68 -4.98 11.22 49.06
C ALA A 68 -3.50 10.96 49.17
N GLN A 69 -3.08 10.54 50.37
CA GLN A 69 -1.68 10.31 50.66
C GLN A 69 -1.38 8.80 50.62
N PRO A 70 -0.10 8.42 50.40
CA PRO A 70 0.23 7.02 50.55
C PRO A 70 -0.14 6.49 51.93
N GLY A 71 -0.53 5.22 51.98
CA GLY A 71 -0.90 4.59 53.25
C GLY A 71 -1.78 3.42 52.99
N SER A 72 -2.54 3.01 54.01
CA SER A 72 -3.46 1.88 53.83
C SER A 72 -4.72 2.09 54.62
N PHE A 73 -5.74 1.36 54.21
CA PHE A 73 -7.06 1.46 54.81
C PHE A 73 -7.86 0.19 54.56
N ASP A 74 -8.76 -0.11 55.50
CA ASP A 74 -9.65 -1.24 55.36
C ASP A 74 -10.84 -0.94 54.49
N ILE A 75 -11.11 -1.85 53.56
CA ILE A 75 -12.41 -1.89 52.91
C ILE A 75 -13.25 -2.98 53.57
N VAL A 76 -14.39 -2.58 54.13
CA VAL A 76 -15.22 -3.50 54.90
C VAL A 76 -16.49 -3.84 54.13
N PHE A 77 -16.78 -5.14 54.03
CA PHE A 77 -17.93 -5.61 53.28
C PHE A 77 -18.90 -6.24 54.27
N LYS A 78 -20.15 -5.79 54.24
CA LYS A 78 -21.18 -6.25 55.19
C LYS A 78 -22.48 -6.70 54.53
N GLY A 79 -23.02 -7.79 55.07
CA GLY A 79 -24.28 -8.33 54.58
C GLY A 79 -24.54 -9.69 55.21
N ASP A 80 -25.81 -10.10 55.23
CA ASP A 80 -26.21 -11.42 55.74
C ASP A 80 -25.67 -11.72 57.14
N GLY A 81 -25.64 -10.69 57.99
CA GLY A 81 -25.16 -10.82 59.37
C GLY A 81 -23.65 -11.04 59.51
N ARG A 82 -22.96 -11.23 58.39
CA ARG A 82 -21.50 -11.38 58.37
C ARG A 82 -20.80 -10.17 57.76
N SER A 83 -19.48 -10.12 57.90
CA SER A 83 -18.69 -9.04 57.34
C SER A 83 -17.31 -9.53 56.94
N GLU A 84 -16.81 -9.00 55.81
CA GLU A 84 -15.45 -9.31 55.35
C GLU A 84 -14.64 -8.00 55.28
N ARG A 85 -13.31 -8.11 55.36
CA ARG A 85 -12.43 -6.94 55.20
C ARG A 85 -11.18 -7.21 54.33
N TYR A 86 -10.64 -6.14 53.74
CA TYR A 86 -9.41 -6.21 52.93
C TYR A 86 -8.58 -4.96 53.23
N ARG A 87 -7.30 -5.13 53.56
CA ARG A 87 -6.42 -4.01 53.83
C ARG A 87 -5.93 -3.48 52.49
N TYR A 88 -6.45 -2.33 52.06
CA TYR A 88 -6.07 -1.74 50.79
C TYR A 88 -4.93 -0.73 50.92
N ARG A 89 -3.87 -0.91 50.11
CA ARG A 89 -2.69 -0.06 50.20
C ARG A 89 -2.56 0.88 49.00
N LEU A 90 -2.36 2.17 49.29
CA LEU A 90 -1.94 3.12 48.25
C LEU A 90 -0.47 3.38 48.42
N LEU A 91 0.33 2.95 47.46
CA LEU A 91 1.77 3.10 47.52
C LEU A 91 2.19 4.50 47.10
N ALA A 92 3.37 4.91 47.55
CA ALA A 92 4.01 6.12 47.03
C ALA A 92 4.69 5.74 45.72
N ARG A 93 4.57 6.63 44.73
CA ARG A 93 5.23 6.40 43.45
C ARG A 93 6.72 6.74 43.52
N GLU A 94 7.54 5.95 42.83
CA GLU A 94 8.95 6.25 42.69
C GLU A 94 9.14 7.62 42.03
N GLN A 95 10.25 8.28 42.38
CA GLN A 95 10.57 9.57 41.79
C GLN A 95 10.77 9.44 40.29
N GLY A 96 10.07 10.30 39.55
CA GLY A 96 10.16 10.30 38.09
C GLY A 96 9.34 9.23 37.38
N SER A 97 8.50 8.54 38.14
CA SER A 97 7.67 7.46 37.59
C SER A 97 6.85 7.89 36.35
N ALA A 98 6.05 8.94 36.50
CA ALA A 98 5.14 9.36 35.40
C ALA A 98 5.92 9.78 34.17
N GLN A 99 7.11 10.33 34.41
CA GLN A 99 7.94 10.85 33.34
C GLN A 99 8.91 9.83 32.73
N ARG A 100 8.80 8.57 33.15
CA ARG A 100 9.70 7.53 32.66
C ARG A 100 9.88 7.55 31.14
N GLN A 101 11.12 7.43 30.69
CA GLN A 101 11.41 7.41 29.27
C GLN A 101 11.20 6.01 28.67
N GLY A 102 10.28 5.93 27.71
CA GLY A 102 10.02 4.69 26.98
C GLY A 102 11.14 4.40 26.02
N PHE A 103 11.16 3.16 25.53
CA PHE A 103 12.13 2.81 24.50
C PHE A 103 11.91 3.67 23.25
N GLY A 104 13.02 3.94 22.59
CA GLY A 104 13.03 4.79 21.41
C GLY A 104 14.13 4.49 20.40
N PRO A 105 14.28 5.40 19.42
CA PRO A 105 15.23 5.22 18.32
C PRO A 105 16.68 4.91 18.75
N GLY A 106 17.10 5.37 19.92
CA GLY A 106 18.45 5.09 20.42
C GLY A 106 18.61 3.72 21.04
N ASP A 107 17.48 3.04 21.26
CA ASP A 107 17.49 1.68 21.86
C ASP A 107 17.62 0.56 20.83
N ALA A 108 17.99 -0.62 21.32
CA ALA A 108 17.89 -1.84 20.54
C ALA A 108 17.32 -2.89 21.47
N ILE A 109 16.28 -3.57 20.98
CA ILE A 109 15.52 -4.50 21.79
C ILE A 109 15.92 -5.94 21.51
N TYR A 110 16.15 -6.71 22.58
CA TYR A 110 16.46 -8.16 22.49
C TYR A 110 15.21 -8.88 22.96
N GLN A 111 14.66 -9.75 22.10
CA GLN A 111 13.43 -10.45 22.41
C GLN A 111 13.76 -11.89 22.82
N ILE A 112 13.15 -12.37 23.90
CA ILE A 112 13.25 -13.79 24.29
C ILE A 112 11.86 -14.40 24.49
N MET A 113 11.78 -15.74 24.43
CA MET A 113 10.67 -16.45 25.05
C MET A 113 11.23 -17.03 26.35
N PRO A 114 10.74 -16.58 27.52
CA PRO A 114 11.29 -16.91 28.85
C PRO A 114 11.41 -18.45 29.04
N ASP A 115 10.45 -19.23 28.54
CA ASP A 115 10.60 -20.71 28.69
C ASP A 115 11.76 -21.32 27.87
N ARG A 116 12.21 -20.61 26.83
CA ARG A 116 13.16 -21.17 25.85
C ARG A 116 14.55 -20.55 25.91
N PHE A 117 14.74 -19.60 26.84
CA PHE A 117 16.01 -18.88 26.93
C PHE A 117 17.01 -19.53 27.93
N ALA A 118 16.73 -19.46 29.23
CA ALA A 118 17.66 -20.01 30.22
C ALA A 118 16.93 -20.56 31.45
N ASN A 119 17.28 -21.81 31.80
CA ASN A 119 16.65 -22.52 32.91
C ASN A 119 17.55 -22.40 34.12
N GLY A 120 17.36 -21.33 34.89
CA GLY A 120 18.24 -21.00 35.99
C GLY A 120 17.92 -21.85 37.21
N ASP A 121 16.71 -22.40 37.23
CA ASP A 121 16.26 -23.19 38.36
C ASP A 121 15.43 -24.36 37.87
N PRO A 122 16.04 -25.55 37.69
CA PRO A 122 15.25 -26.70 37.26
C PRO A 122 14.11 -27.09 38.21
N SER A 123 14.18 -26.67 39.45
CA SER A 123 13.17 -27.09 40.44
C SER A 123 11.79 -26.45 40.23
N ASN A 124 11.72 -25.35 39.48
CA ASN A 124 10.40 -24.77 39.19
C ASN A 124 9.85 -25.18 37.83
N ASP A 125 10.51 -26.14 37.15
CA ASP A 125 10.06 -26.58 35.83
C ASP A 125 8.65 -27.11 35.92
N ASN A 126 8.37 -27.82 37.01
CA ASN A 126 7.01 -28.19 37.38
C ASN A 126 6.67 -27.55 38.70
N VAL A 127 5.41 -27.17 38.85
CA VAL A 127 4.91 -26.64 40.10
C VAL A 127 3.69 -27.42 40.51
N ALA A 128 3.69 -27.93 41.76
CA ALA A 128 2.60 -28.77 42.24
C ALA A 128 1.25 -28.09 42.07
N GLY A 129 0.32 -28.84 41.49
CA GLY A 129 -1.03 -28.30 41.30
C GLY A 129 -1.32 -27.84 39.89
N MET A 130 -0.28 -27.49 39.14
CA MET A 130 -0.44 -27.00 37.74
C MET A 130 -0.72 -28.11 36.75
N ARG A 131 -1.29 -27.75 35.60
CA ARG A 131 -1.88 -28.73 34.68
C ARG A 131 -0.93 -29.38 33.69
N GLU A 132 0.19 -28.75 33.42
CA GLU A 132 1.15 -29.29 32.45
C GLU A 132 2.48 -29.65 33.11
N GLN A 133 2.99 -30.83 32.75
CA GLN A 133 4.32 -31.24 33.16
C GLN A 133 5.34 -30.83 32.09
N ALA A 134 6.53 -30.41 32.51
CA ALA A 134 7.59 -30.03 31.56
C ALA A 134 8.01 -31.20 30.71
N ASP A 135 8.42 -30.90 29.48
CA ASP A 135 8.98 -31.92 28.58
C ASP A 135 9.82 -31.17 27.57
N ARG A 136 11.13 -31.16 27.85
CA ARG A 136 12.08 -30.47 27.01
C ARG A 136 12.17 -31.04 25.60
N ARG A 137 11.76 -32.32 25.45
CA ARG A 137 11.74 -33.03 24.17
C ARG A 137 10.46 -32.86 23.34
N HIS A 138 9.49 -32.13 23.88
CA HIS A 138 8.29 -31.83 23.15
C HIS A 138 8.46 -30.41 22.56
N GLY A 139 8.38 -30.30 21.23
CA GLY A 139 8.43 -28.97 20.57
C GLY A 139 7.41 -27.95 21.05
N GLY A 140 6.23 -28.39 21.48
CA GLY A 140 5.20 -27.50 22.05
C GLY A 140 5.09 -27.59 23.58
N GLY A 141 6.09 -28.18 24.21
CA GLY A 141 6.08 -28.39 25.67
C GLY A 141 6.77 -27.26 26.44
N ARG A 142 6.70 -27.34 27.77
CA ARG A 142 7.52 -26.46 28.63
C ARG A 142 8.93 -27.01 28.75
N HIS A 143 9.91 -26.18 28.45
CA HIS A 143 11.31 -26.63 28.53
C HIS A 143 12.00 -26.24 29.81
N GLY A 144 11.45 -25.24 30.50
CA GLY A 144 11.89 -24.86 31.84
C GLY A 144 12.60 -23.53 32.00
N GLY A 145 12.63 -22.71 30.94
CA GLY A 145 13.30 -21.40 31.07
C GLY A 145 12.57 -20.60 32.15
N ASP A 146 13.29 -19.74 32.86
CA ASP A 146 12.67 -18.97 33.94
C ASP A 146 13.34 -17.62 34.18
N ILE A 147 12.79 -16.85 35.13
CA ILE A 147 13.32 -15.51 35.43
C ILE A 147 14.76 -15.59 35.98
N ARG A 148 15.02 -16.57 36.85
CA ARG A 148 16.40 -16.77 37.33
C ARG A 148 17.42 -16.89 36.19
N GLY A 149 17.10 -17.71 35.18
CA GLY A 149 17.98 -17.91 34.02
C GLY A 149 18.15 -16.62 33.22
N THR A 150 17.05 -15.88 33.03
CA THR A 150 17.13 -14.57 32.35
C THR A 150 18.04 -13.58 33.12
N ILE A 151 17.81 -13.46 34.42
CA ILE A 151 18.64 -12.58 35.23
C ILE A 151 20.12 -12.97 35.16
N ASP A 152 20.39 -14.29 35.23
CA ASP A 152 21.75 -14.84 35.12
C ASP A 152 22.50 -14.34 33.88
N HIS A 153 21.75 -14.00 32.82
CA HIS A 153 22.36 -13.68 31.54
C HIS A 153 22.11 -12.26 31.05
N LEU A 154 21.69 -11.37 31.96
CA LEU A 154 21.58 -9.97 31.61
C LEU A 154 22.92 -9.36 31.16
N ASP A 155 24.04 -9.72 31.79
CA ASP A 155 25.32 -9.21 31.31
C ASP A 155 25.59 -9.58 29.85
N TYR A 156 25.13 -10.76 29.45
CA TYR A 156 25.36 -11.22 28.09
C TYR A 156 24.59 -10.31 27.13
N ILE A 157 23.31 -10.12 27.45
CA ILE A 157 22.41 -9.30 26.61
C ILE A 157 22.92 -7.86 26.52
N ALA A 158 23.28 -7.28 27.66
CA ALA A 158 23.81 -5.90 27.67
C ALA A 158 25.12 -5.83 26.87
N GLY A 159 25.95 -6.85 27.04
CA GLY A 159 27.24 -6.94 26.34
C GLY A 159 27.15 -7.03 24.84
N LEU A 160 26.03 -7.57 24.35
CA LEU A 160 25.80 -7.67 22.92
C LEU A 160 25.42 -6.32 22.33
N GLY A 161 25.08 -5.35 23.20
CA GLY A 161 24.74 -4.00 22.73
C GLY A 161 23.24 -3.68 22.79
N PHE A 162 22.47 -4.58 23.41
CA PHE A 162 21.03 -4.33 23.58
C PHE A 162 20.70 -3.51 24.83
N THR A 163 19.65 -2.67 24.72
CA THR A 163 19.32 -1.72 25.79
C THR A 163 17.89 -1.91 26.30
N GLN A 164 17.20 -2.93 25.75
CA GLN A 164 15.83 -3.26 26.19
C GLN A 164 15.65 -4.75 26.06
N LEU A 165 14.90 -5.33 26.99
CA LEU A 165 14.55 -6.75 26.97
C LEU A 165 13.05 -6.88 26.82
N TRP A 166 12.62 -7.61 25.79
CA TRP A 166 11.19 -7.91 25.58
C TRP A 166 11.01 -9.45 25.69
N PRO A 167 10.51 -9.95 26.85
CA PRO A 167 10.12 -11.37 26.91
C PRO A 167 8.65 -11.53 26.53
N THR A 168 8.34 -12.59 25.79
CA THR A 168 6.94 -12.93 25.56
C THR A 168 6.26 -13.21 26.94
N PRO A 169 4.90 -13.25 27.01
CA PRO A 169 4.26 -13.10 28.33
C PRO A 169 4.70 -14.09 29.41
N LEU A 170 4.89 -13.58 30.62
CA LEU A 170 5.23 -14.40 31.79
C LEU A 170 4.04 -14.65 32.71
N VAL A 171 2.91 -14.00 32.43
CA VAL A 171 1.73 -14.18 33.28
C VAL A 171 1.23 -15.63 33.24
N GLU A 172 0.53 -16.02 34.30
CA GLU A 172 0.16 -17.42 34.49
C GLU A 172 -0.56 -17.94 33.25
N ASN A 173 -0.11 -19.12 32.75
CA ASN A 173 -0.83 -19.82 31.69
C ASN A 173 -1.04 -21.26 32.14
N ASP A 174 -2.04 -21.50 32.97
CA ASP A 174 -2.14 -22.86 33.57
C ASP A 174 -3.02 -23.72 32.68
N ALA A 175 -2.49 -24.01 31.49
CA ALA A 175 -3.17 -24.88 30.52
C ALA A 175 -2.59 -26.28 30.61
N ALA A 176 -3.39 -27.26 30.15
CA ALA A 176 -2.91 -28.65 30.09
C ALA A 176 -1.88 -28.93 28.96
N ALA A 177 -1.91 -28.09 27.92
CA ALA A 177 -1.01 -28.21 26.78
C ALA A 177 -0.75 -26.81 26.25
N TYR A 178 0.44 -26.63 25.67
CA TYR A 178 0.85 -25.37 25.03
C TYR A 178 0.81 -24.20 26.01
N SER A 179 1.07 -24.48 27.28
CA SER A 179 1.17 -23.38 28.27
C SER A 179 2.43 -22.53 28.05
N TYR A 180 3.46 -23.08 27.39
CA TYR A 180 4.79 -22.45 27.39
C TYR A 180 4.83 -21.05 26.76
N HIS A 181 3.92 -20.77 25.83
CA HIS A 181 4.11 -19.60 24.98
C HIS A 181 3.62 -18.33 25.68
N GLY A 182 2.73 -18.48 26.66
CA GLY A 182 2.30 -17.32 27.49
C GLY A 182 1.08 -16.53 27.00
N TYR A 183 0.59 -16.83 25.79
CA TYR A 183 -0.44 -15.98 25.14
C TYR A 183 -1.89 -16.27 25.53
N ALA A 184 -2.06 -17.17 26.49
CA ALA A 184 -3.41 -17.57 26.94
C ALA A 184 -3.47 -17.44 28.47
N ALA A 185 -3.55 -16.20 28.96
CA ALA A 185 -3.45 -15.91 30.39
C ALA A 185 -4.57 -16.54 31.20
N THR A 186 -4.21 -17.13 32.34
CA THR A 186 -5.21 -17.67 33.27
C THR A 186 -5.26 -16.86 34.60
N ASP A 187 -4.31 -15.91 34.75
CA ASP A 187 -4.30 -14.97 35.88
C ASP A 187 -3.45 -13.76 35.49
N HIS A 188 -4.11 -12.64 35.18
CA HIS A 188 -3.40 -11.46 34.69
C HIS A 188 -2.58 -10.77 35.78
N TYR A 189 -2.83 -11.12 37.05
CA TYR A 189 -2.10 -10.50 38.17
C TYR A 189 -1.00 -11.35 38.79
N ARG A 190 -0.60 -12.42 38.10
CA ARG A 190 0.36 -13.34 38.67
C ARG A 190 1.32 -13.87 37.62
N ILE A 191 2.61 -13.74 37.89
CA ILE A 191 3.61 -14.46 37.10
C ILE A 191 3.32 -15.99 37.18
N ASP A 192 3.41 -16.70 36.05
CA ASP A 192 3.37 -18.17 36.11
C ASP A 192 4.46 -18.67 37.07
N PRO A 193 4.07 -19.44 38.11
CA PRO A 193 5.05 -19.87 39.12
C PRO A 193 6.22 -20.68 38.55
N ARG A 194 6.04 -21.19 37.36
CA ARG A 194 7.13 -21.88 36.71
C ARG A 194 8.23 -20.92 36.28
N TYR A 195 7.89 -19.64 36.17
CA TYR A 195 8.92 -18.65 35.82
C TYR A 195 9.50 -18.03 37.09
N GLY A 196 8.68 -17.95 38.14
CA GLY A 196 9.07 -17.37 39.41
C GLY A 196 7.90 -16.61 40.01
N SER A 197 8.21 -15.67 40.90
CA SER A 197 7.19 -14.92 41.60
C SER A 197 7.03 -13.52 40.97
N ASN A 198 5.98 -12.84 41.40
CA ASN A 198 5.79 -11.44 41.03
C ASN A 198 7.02 -10.60 41.42
N GLU A 199 7.52 -10.85 42.62
CA GLU A 199 8.72 -10.16 43.09
C GLU A 199 9.97 -10.44 42.26
N ASP A 200 10.12 -11.68 41.79
CA ASP A 200 11.20 -12.04 40.87
C ASP A 200 11.14 -11.20 39.59
N PHE A 201 9.92 -10.98 39.07
CA PHE A 201 9.73 -10.16 37.88
C PHE A 201 10.15 -8.70 38.14
N VAL A 202 9.72 -8.15 39.27
CA VAL A 202 10.22 -6.82 39.67
C VAL A 202 11.75 -6.79 39.73
N ARG A 203 12.34 -7.84 40.32
CA ARG A 203 13.81 -7.96 40.39
C ARG A 203 14.48 -8.02 39.02
N LEU A 204 13.84 -8.70 38.07
CA LEU A 204 14.29 -8.72 36.70
C LEU A 204 14.42 -7.30 36.15
N SER A 205 13.39 -6.49 36.40
CA SER A 205 13.40 -5.10 35.94
C SER A 205 14.53 -4.32 36.61
N THR A 206 14.66 -4.47 37.94
CA THR A 206 15.69 -3.75 38.70
C THR A 206 17.12 -4.14 38.26
N GLU A 207 17.36 -5.45 38.04
CA GLU A 207 18.66 -5.94 37.60
C GLU A 207 18.97 -5.49 36.16
N ALA A 208 17.95 -5.51 35.30
CA ALA A 208 18.13 -5.04 33.93
C ALA A 208 18.53 -3.55 33.95
N ARG A 209 17.87 -2.78 34.83
CA ARG A 209 18.10 -1.32 34.89
C ARG A 209 19.53 -1.01 35.33
N LYS A 210 20.03 -1.82 36.26
CA LYS A 210 21.46 -1.76 36.70
C LYS A 210 22.44 -1.90 35.55
N ARG A 211 22.03 -2.65 34.52
CA ARG A 211 22.85 -2.93 33.35
C ARG A 211 22.47 -2.06 32.15
N GLY A 212 21.72 -1.00 32.41
CA GLY A 212 21.40 0.00 31.39
C GLY A 212 20.25 -0.40 30.48
N MET A 213 19.46 -1.40 30.91
CA MET A 213 18.40 -1.99 30.07
C MET A 213 17.00 -1.77 30.63
N GLY A 214 16.07 -1.44 29.74
CA GLY A 214 14.66 -1.34 30.11
C GLY A 214 14.00 -2.70 29.92
N LEU A 215 12.80 -2.83 30.46
CA LEU A 215 12.02 -4.08 30.39
C LEU A 215 10.68 -3.77 29.77
N ILE A 216 10.40 -4.47 28.68
CA ILE A 216 9.19 -4.27 27.88
C ILE A 216 8.30 -5.48 28.10
N GLN A 217 7.09 -5.27 28.62
CA GLN A 217 6.19 -6.41 28.87
C GLN A 217 5.27 -6.66 27.68
N ASP A 218 5.02 -7.94 27.41
CA ASP A 218 4.17 -8.38 26.29
C ASP A 218 2.78 -8.60 26.84
N VAL A 219 1.82 -7.78 26.39
CA VAL A 219 0.47 -7.85 26.96
C VAL A 219 -0.53 -8.30 25.90
N VAL A 220 -1.43 -9.18 26.32
CA VAL A 220 -2.55 -9.57 25.48
C VAL A 220 -3.79 -8.91 26.05
N LEU A 221 -4.54 -8.27 25.17
CA LEU A 221 -5.75 -7.57 25.60
C LEU A 221 -7.02 -8.24 25.10
N SER A 222 -6.96 -8.86 23.92
CA SER A 222 -8.13 -9.42 23.24
C SER A 222 -8.70 -10.71 23.85
N HIS A 223 -7.81 -11.55 24.35
CA HIS A 223 -8.18 -12.89 24.81
C HIS A 223 -7.45 -13.37 26.06
N ILE A 224 -8.00 -14.47 26.60
CA ILE A 224 -7.42 -15.16 27.77
C ILE A 224 -7.34 -16.65 27.43
N GLY A 225 -6.82 -17.47 28.35
CA GLY A 225 -6.89 -18.93 28.17
C GLY A 225 -8.20 -19.49 28.70
N LYS A 226 -8.62 -20.64 28.17
CA LYS A 226 -9.89 -21.24 28.60
C LYS A 226 -9.86 -21.71 30.07
N HIS A 227 -8.66 -21.88 30.63
CA HIS A 227 -8.53 -22.28 32.04
C HIS A 227 -8.46 -21.10 33.00
N HIS A 228 -8.67 -19.90 32.49
CA HIS A 228 -8.76 -18.74 33.37
C HIS A 228 -9.89 -18.99 34.38
N TRP A 229 -9.64 -18.64 35.65
CA TRP A 229 -10.65 -18.85 36.71
C TRP A 229 -12.01 -18.20 36.47
N TRP A 230 -12.03 -17.10 35.70
CA TRP A 230 -13.28 -16.48 35.26
C TRP A 230 -14.22 -17.47 34.56
N MET A 231 -13.68 -18.40 33.79
CA MET A 231 -14.50 -19.25 32.92
C MET A 231 -15.36 -20.23 33.73
N LYS A 232 -14.95 -20.45 34.98
CA LYS A 232 -15.67 -21.30 35.96
C LYS A 232 -16.95 -20.64 36.46
N ASP A 233 -17.03 -19.32 36.39
CA ASP A 233 -18.16 -18.55 36.93
C ASP A 233 -18.07 -17.15 36.33
N LEU A 234 -18.67 -16.98 35.16
CA LEU A 234 -18.50 -15.75 34.38
C LEU A 234 -18.94 -14.57 35.20
N PRO A 235 -18.06 -13.54 35.32
CA PRO A 235 -18.42 -12.35 36.09
C PRO A 235 -19.73 -11.70 35.66
N THR A 236 -19.95 -11.61 34.35
CA THR A 236 -21.23 -11.16 33.82
C THR A 236 -21.52 -12.05 32.62
N PRO A 237 -22.79 -12.15 32.21
CA PRO A 237 -23.09 -12.97 31.05
C PRO A 237 -22.42 -12.48 29.76
N ASP A 238 -22.01 -11.22 29.73
CA ASP A 238 -21.37 -10.69 28.52
C ASP A 238 -19.89 -10.43 28.69
N TRP A 239 -19.27 -11.02 29.70
CA TRP A 239 -17.84 -10.79 29.97
C TRP A 239 -17.01 -11.29 28.79
N ILE A 240 -17.41 -12.45 28.28
CA ILE A 240 -16.74 -13.08 27.15
C ILE A 240 -17.67 -12.95 25.95
N ASN A 241 -17.09 -12.60 24.80
CA ASN A 241 -17.88 -12.51 23.57
C ASN A 241 -18.60 -13.81 23.22
N TYR A 242 -19.75 -13.64 22.58
CA TYR A 242 -20.63 -14.75 22.18
C TYR A 242 -21.09 -15.56 23.39
N GLY A 243 -21.28 -14.86 24.49
CA GLY A 243 -21.76 -15.48 25.73
C GLY A 243 -20.90 -16.58 26.27
N GLY A 244 -19.60 -16.46 26.08
CA GLY A 244 -18.67 -17.43 26.65
C GLY A 244 -18.54 -18.70 25.84
N LYS A 245 -19.11 -18.70 24.64
CA LYS A 245 -19.04 -19.89 23.75
C LYS A 245 -18.11 -19.65 22.54
N PHE A 246 -17.38 -20.69 22.14
CA PHE A 246 -16.44 -20.61 20.99
C PHE A 246 -17.13 -20.27 19.67
N VAL A 247 -16.84 -19.09 19.14
CA VAL A 247 -17.22 -18.71 17.77
C VAL A 247 -15.95 -18.13 17.13
N PRO A 248 -15.36 -18.83 16.13
CA PRO A 248 -14.03 -18.42 15.64
C PRO A 248 -14.02 -17.11 14.84
N THR A 249 -12.92 -16.36 15.02
CA THR A 249 -12.64 -15.29 14.05
C THR A 249 -12.13 -15.90 12.73
N GLN A 250 -12.50 -15.24 11.65
CA GLN A 250 -11.96 -15.54 10.32
C GLN A 250 -10.86 -14.52 9.89
N HIS A 251 -10.46 -13.62 10.80
CA HIS A 251 -9.25 -12.83 10.65
C HIS A 251 -9.33 -11.77 9.54
N HIS A 252 -10.51 -11.18 9.31
CA HIS A 252 -10.63 -10.14 8.28
C HIS A 252 -10.19 -8.80 8.86
N ARG A 253 -8.87 -8.65 9.00
CA ARG A 253 -8.36 -7.49 9.75
C ARG A 253 -8.69 -6.15 9.12
N VAL A 254 -8.84 -6.09 7.80
CA VAL A 254 -9.14 -4.77 7.18
C VAL A 254 -10.58 -4.32 7.46
N ALA A 255 -11.43 -5.24 7.93
CA ALA A 255 -12.86 -4.93 8.14
C ALA A 255 -13.08 -3.79 9.14
N VAL A 256 -12.11 -3.60 10.07
CA VAL A 256 -12.25 -2.50 11.03
C VAL A 256 -11.85 -1.14 10.45
N GLN A 257 -11.28 -1.14 9.25
CA GLN A 257 -10.74 0.07 8.65
C GLN A 257 -10.93 0.11 7.11
N ASP A 258 -12.18 -0.17 6.69
CA ASP A 258 -12.51 -0.38 5.28
C ASP A 258 -13.83 0.35 5.01
N PRO A 259 -13.85 1.30 4.04
CA PRO A 259 -15.10 2.01 3.75
C PRO A 259 -16.24 1.07 3.31
N TYR A 260 -15.91 -0.11 2.78
CA TYR A 260 -16.92 -1.05 2.25
C TYR A 260 -17.25 -2.21 3.21
N ALA A 261 -16.80 -2.09 4.45
CA ALA A 261 -16.89 -3.19 5.41
C ALA A 261 -18.32 -3.54 5.76
N ALA A 262 -18.53 -4.83 5.99
CA ALA A 262 -19.74 -5.35 6.64
C ALA A 262 -19.51 -5.36 8.15
N GLN A 263 -20.52 -4.94 8.90
CA GLN A 263 -20.48 -5.08 10.34
C GLN A 263 -20.23 -6.52 10.79
N ALA A 264 -20.75 -7.51 10.07
CA ALA A 264 -20.48 -8.91 10.39
C ALA A 264 -18.99 -9.16 10.48
N ASP A 265 -18.23 -8.61 9.52
CA ASP A 265 -16.79 -8.90 9.43
C ASP A 265 -16.00 -8.15 10.51
N SER A 266 -16.36 -6.88 10.72
CA SER A 266 -15.68 -6.13 11.80
C SER A 266 -15.93 -6.75 13.18
N GLU A 267 -17.18 -7.11 13.45
CA GLU A 267 -17.53 -7.78 14.69
C GLU A 267 -16.80 -9.12 14.82
N ASN A 268 -16.72 -9.87 13.73
CA ASN A 268 -16.05 -11.13 13.74
C ASN A 268 -14.57 -10.95 14.02
N PHE A 269 -14.02 -9.84 13.57
CA PHE A 269 -12.58 -9.61 13.82
C PHE A 269 -12.30 -9.29 15.28
N THR A 270 -13.11 -8.42 15.89
CA THR A 270 -12.85 -7.95 17.24
C THR A 270 -13.48 -8.80 18.34
N LYS A 271 -14.51 -9.58 17.98
CA LYS A 271 -15.21 -10.46 18.93
C LYS A 271 -14.98 -11.95 18.72
N GLY A 272 -14.67 -12.35 17.48
CA GLY A 272 -14.34 -13.75 17.17
C GLY A 272 -13.19 -14.29 18.01
N TRP A 273 -13.32 -15.53 18.44
CA TRP A 273 -12.27 -16.18 19.21
C TRP A 273 -11.08 -16.56 18.34
N PHE A 274 -9.88 -16.24 18.83
CA PHE A 274 -8.67 -16.49 18.05
C PHE A 274 -8.54 -17.97 17.72
N VAL A 275 -8.69 -18.80 18.77
CA VAL A 275 -8.79 -20.26 18.66
C VAL A 275 -9.72 -20.73 19.78
N GLU A 276 -10.15 -21.99 19.72
CA GLU A 276 -11.06 -22.53 20.73
C GLU A 276 -10.56 -22.37 22.18
N GLY A 277 -9.24 -22.46 22.38
CA GLY A 277 -8.68 -22.39 23.72
C GLY A 277 -8.42 -20.96 24.20
N MET A 278 -8.86 -19.97 23.43
CA MET A 278 -8.61 -18.55 23.78
C MET A 278 -9.88 -17.69 23.82
N PRO A 279 -10.67 -17.82 24.90
CA PRO A 279 -11.89 -17.00 25.02
C PRO A 279 -11.64 -15.52 24.79
N ASP A 280 -12.56 -14.88 24.07
CA ASP A 280 -12.38 -13.52 23.62
C ASP A 280 -13.06 -12.55 24.57
N LEU A 281 -12.30 -11.58 25.06
CA LEU A 281 -12.86 -10.63 26.03
C LEU A 281 -13.77 -9.57 25.40
N ASN A 282 -14.94 -9.36 25.99
CA ASN A 282 -15.83 -8.32 25.52
C ASN A 282 -15.44 -6.94 26.02
N GLN A 283 -14.60 -6.24 25.25
CA GLN A 283 -14.11 -4.96 25.72
C GLN A 283 -15.10 -3.81 25.56
N THR A 284 -16.27 -4.10 24.97
CA THR A 284 -17.38 -3.14 24.97
C THR A 284 -18.06 -3.09 26.33
N ASN A 285 -17.84 -4.10 27.18
CA ASN A 285 -18.26 -4.05 28.57
C ASN A 285 -17.29 -3.13 29.32
N PRO A 286 -17.77 -2.00 29.85
CA PRO A 286 -16.84 -1.07 30.52
C PRO A 286 -16.07 -1.70 31.68
N LEU A 287 -16.66 -2.68 32.35
CA LEU A 287 -15.95 -3.38 33.41
C LEU A 287 -14.71 -4.14 32.89
N VAL A 288 -14.85 -4.71 31.69
CA VAL A 288 -13.75 -5.44 31.06
C VAL A 288 -12.67 -4.43 30.59
N ALA A 289 -13.13 -3.33 30.00
CA ALA A 289 -12.22 -2.25 29.59
C ALA A 289 -11.39 -1.74 30.78
N ASN A 290 -12.08 -1.36 31.86
CA ASN A 290 -11.42 -0.88 33.08
C ASN A 290 -10.42 -1.90 33.62
N TYR A 291 -10.81 -3.18 33.59
CA TYR A 291 -10.00 -4.24 34.13
C TYR A 291 -8.66 -4.28 33.43
N LEU A 292 -8.68 -4.24 32.10
CA LEU A 292 -7.45 -4.39 31.30
C LEU A 292 -6.57 -3.13 31.42
N ILE A 293 -7.21 -1.97 31.36
CA ILE A 293 -6.48 -0.70 31.46
C ILE A 293 -5.74 -0.65 32.81
N GLN A 294 -6.48 -0.91 33.89
CA GLN A 294 -5.88 -0.90 35.22
C GLN A 294 -4.79 -1.96 35.39
N ASN A 295 -5.03 -3.14 34.85
CA ASN A 295 -4.05 -4.22 35.02
C ASN A 295 -2.70 -3.87 34.36
N ASN A 296 -2.76 -3.27 33.16
CA ASN A 296 -1.53 -2.96 32.46
C ASN A 296 -0.80 -1.78 33.13
N ILE A 297 -1.57 -0.79 33.56
CA ILE A 297 -0.96 0.31 34.36
C ILE A 297 -0.31 -0.26 35.63
N TRP A 298 -0.99 -1.21 36.25
CA TRP A 298 -0.48 -1.85 37.47
C TRP A 298 0.91 -2.48 37.21
N TRP A 299 1.04 -3.26 36.14
CA TRP A 299 2.33 -3.85 35.80
C TRP A 299 3.39 -2.79 35.53
N ILE A 300 3.04 -1.75 34.79
CA ILE A 300 4.04 -0.72 34.46
C ILE A 300 4.56 -0.06 35.76
N GLU A 301 3.61 0.32 36.62
CA GLU A 301 3.99 0.98 37.85
C GLU A 301 4.73 0.05 38.84
N TYR A 302 4.21 -1.16 39.00
CA TYR A 302 4.74 -2.14 39.94
C TYR A 302 6.12 -2.67 39.51
N ALA A 303 6.25 -2.96 38.23
CA ALA A 303 7.49 -3.57 37.74
C ALA A 303 8.49 -2.60 37.07
N GLY A 304 8.14 -1.32 37.03
CA GLY A 304 9.07 -0.30 36.49
C GLY A 304 9.40 -0.51 35.01
N LEU A 305 8.38 -0.82 34.22
CA LEU A 305 8.57 -1.12 32.80
C LEU A 305 8.89 0.13 32.00
N SER A 306 9.58 -0.10 30.88
CA SER A 306 9.95 0.99 29.95
C SER A 306 8.95 1.07 28.79
N GLY A 307 7.96 0.17 28.78
CA GLY A 307 6.97 0.17 27.70
C GLY A 307 6.35 -1.21 27.55
N LEU A 308 5.53 -1.35 26.52
CA LEU A 308 4.78 -2.58 26.30
C LEU A 308 4.87 -2.97 24.83
N ARG A 309 4.73 -4.27 24.59
CA ARG A 309 4.47 -4.80 23.25
C ARG A 309 3.05 -5.40 23.34
N ILE A 310 2.18 -4.97 22.43
CA ILE A 310 0.74 -5.28 22.54
C ILE A 310 0.37 -6.27 21.47
N ASP A 311 0.00 -7.46 21.91
CA ASP A 311 -0.28 -8.57 21.03
C ASP A 311 -1.55 -8.33 20.22
N THR A 312 -1.68 -9.06 19.10
CA THR A 312 -3.00 -9.19 18.40
C THR A 312 -3.74 -7.85 18.36
N TYR A 313 -3.06 -6.81 17.87
CA TYR A 313 -3.51 -5.46 18.20
C TYR A 313 -4.98 -5.17 17.79
N GLY A 314 -5.31 -5.33 16.50
CA GLY A 314 -6.66 -4.93 16.04
C GLY A 314 -7.78 -5.91 16.40
N TYR A 315 -7.41 -7.02 17.05
CA TYR A 315 -8.40 -8.01 17.50
C TYR A 315 -9.14 -7.53 18.75
N SER A 316 -8.69 -6.43 19.31
CA SER A 316 -9.44 -5.75 20.37
C SER A 316 -10.41 -4.74 19.79
N ASP A 317 -11.51 -4.51 20.52
CA ASP A 317 -12.49 -3.50 20.11
C ASP A 317 -11.80 -2.14 19.87
N GLY A 318 -12.10 -1.53 18.72
CA GLY A 318 -11.43 -0.28 18.32
C GLY A 318 -11.64 0.88 19.31
N ALA A 319 -12.87 1.05 19.76
CA ALA A 319 -13.17 2.13 20.73
C ALA A 319 -12.46 1.89 22.08
N PHE A 320 -12.42 0.62 22.50
CA PHE A 320 -11.60 0.25 23.65
C PHE A 320 -10.14 0.63 23.43
N LEU A 321 -9.60 0.33 22.25
CA LEU A 321 -8.16 0.64 22.02
C LEU A 321 -7.89 2.14 22.09
N THR A 322 -8.81 2.94 21.55
CA THR A 322 -8.70 4.40 21.64
C THR A 322 -8.61 4.84 23.11
N GLU A 323 -9.51 4.32 23.95
CA GLU A 323 -9.52 4.69 25.37
C GLU A 323 -8.30 4.12 26.12
N TYR A 324 -7.98 2.85 25.85
CA TYR A 324 -6.82 2.19 26.49
C TYR A 324 -5.55 2.96 26.18
N THR A 325 -5.34 3.32 24.92
CA THR A 325 -4.08 4.00 24.58
C THR A 325 -4.11 5.41 25.20
N ARG A 326 -5.29 6.03 25.22
CA ARG A 326 -5.41 7.38 25.83
C ARG A 326 -5.04 7.29 27.30
N ARG A 327 -5.62 6.31 27.98
CA ARG A 327 -5.35 6.15 29.43
C ARG A 327 -3.89 5.85 29.75
N LEU A 328 -3.30 4.91 29.03
CA LEU A 328 -1.90 4.54 29.32
C LEU A 328 -0.96 5.71 29.07
N MET A 329 -1.18 6.38 27.95
CA MET A 329 -0.28 7.47 27.58
C MET A 329 -0.51 8.72 28.42
N ALA A 330 -1.72 8.86 28.98
CA ALA A 330 -1.96 9.96 29.95
C ALA A 330 -1.17 9.70 31.24
N GLU A 331 -1.08 8.43 31.66
CA GLU A 331 -0.25 8.16 32.86
C GLU A 331 1.22 8.43 32.57
N TYR A 332 1.68 7.95 31.43
CA TYR A 332 3.12 7.86 31.09
C TYR A 332 3.37 8.51 29.73
N PRO A 333 3.36 9.83 29.67
CA PRO A 333 3.40 10.46 28.34
C PRO A 333 4.63 10.18 27.47
N ARG A 334 5.75 9.79 28.09
CA ARG A 334 7.00 9.48 27.37
C ARG A 334 7.17 7.98 27.10
N LEU A 335 6.15 7.20 27.44
CA LEU A 335 6.23 5.74 27.25
C LEU A 335 6.29 5.38 25.77
N ASN A 336 6.69 4.15 25.46
CA ASN A 336 6.45 3.63 24.14
C ASN A 336 5.66 2.33 24.31
N MET A 337 4.76 2.11 23.36
CA MET A 337 4.03 0.85 23.26
C MET A 337 4.00 0.48 21.78
N VAL A 338 4.41 -0.75 21.49
CA VAL A 338 4.47 -1.21 20.12
C VAL A 338 3.37 -2.23 19.86
N GLY A 339 2.44 -1.88 18.98
CA GLY A 339 1.35 -2.80 18.66
C GLY A 339 1.74 -3.79 17.56
N GLN A 340 1.23 -5.02 17.68
CA GLN A 340 1.44 -6.06 16.68
C GLN A 340 0.23 -6.11 15.74
N GLU A 341 0.29 -5.36 14.65
CA GLU A 341 -0.73 -5.42 13.61
C GLU A 341 -0.10 -6.18 12.44
N TRP A 342 -0.41 -7.48 12.35
CA TRP A 342 0.36 -8.31 11.39
C TRP A 342 -0.23 -8.20 9.98
N SER A 343 0.28 -7.20 9.24
CA SER A 343 -0.06 -6.97 7.84
C SER A 343 1.21 -6.53 7.11
N THR A 344 1.36 -6.96 5.86
CA THR A 344 2.47 -6.43 5.06
C THR A 344 2.05 -5.20 4.25
N ARG A 345 0.82 -4.72 4.50
CA ARG A 345 0.31 -3.52 3.83
C ARG A 345 0.57 -2.27 4.71
N VAL A 346 1.42 -1.38 4.21
CA VAL A 346 1.74 -0.17 5.00
C VAL A 346 0.46 0.56 5.48
N PRO A 347 -0.52 0.79 4.58
CA PRO A 347 -1.70 1.53 5.08
C PRO A 347 -2.39 0.89 6.31
N VAL A 348 -2.42 -0.45 6.34
CA VAL A 348 -3.13 -1.17 7.38
C VAL A 348 -2.42 -0.98 8.71
N VAL A 349 -1.07 -1.00 8.68
CA VAL A 349 -0.28 -0.79 9.89
C VAL A 349 -0.38 0.67 10.34
N ALA A 350 -0.27 1.60 9.38
CA ALA A 350 -0.12 3.03 9.69
C ALA A 350 -1.38 3.58 10.38
N ARG A 351 -2.53 2.95 10.10
CA ARG A 351 -3.83 3.39 10.60
C ARG A 351 -3.83 3.60 12.12
N TRP A 352 -3.06 2.78 12.82
CA TRP A 352 -3.14 2.70 14.29
C TRP A 352 -2.23 3.68 15.05
N GLN A 353 -1.29 4.31 14.34
CA GLN A 353 -0.28 5.15 15.02
C GLN A 353 -0.83 6.52 15.42
N ARG A 354 -0.46 6.96 16.63
CA ARG A 354 -0.91 8.27 17.13
C ARG A 354 -0.64 9.37 16.09
N GLY A 355 -1.60 10.29 15.96
CA GLY A 355 -1.47 11.45 15.09
C GLY A 355 -1.91 11.19 13.66
N LYS A 356 -2.32 9.95 13.37
CA LYS A 356 -2.80 9.61 12.01
C LYS A 356 -4.17 10.24 11.74
N ALA A 357 -4.30 10.90 10.59
CA ALA A 357 -5.62 11.41 10.16
C ALA A 357 -6.30 10.31 9.36
N ASN A 358 -7.27 9.63 9.97
CA ASN A 358 -7.92 8.50 9.32
C ASN A 358 -9.22 8.88 8.61
N PHE A 359 -9.55 8.15 7.54
CA PHE A 359 -10.72 8.48 6.72
C PHE A 359 -12.01 8.44 7.54
N ASP A 360 -12.03 7.59 8.58
CA ASP A 360 -13.23 7.34 9.38
C ASP A 360 -13.18 8.06 10.74
N GLY A 361 -12.19 8.94 10.87
CA GLY A 361 -11.95 9.69 12.10
C GLY A 361 -11.37 8.88 13.25
N TYR A 362 -10.91 7.65 12.98
CA TYR A 362 -10.39 6.81 14.05
C TYR A 362 -9.18 7.47 14.68
N THR A 363 -9.17 7.54 16.00
CA THR A 363 -8.02 8.14 16.70
C THR A 363 -7.40 7.15 17.69
N SER A 364 -6.11 7.33 17.94
CA SER A 364 -5.30 6.40 18.71
C SER A 364 -4.16 7.18 19.35
N HIS A 365 -3.70 6.72 20.52
CA HIS A 365 -2.50 7.24 21.16
C HIS A 365 -1.35 6.24 21.09
N LEU A 366 -1.51 5.20 20.28
CA LEU A 366 -0.48 4.17 20.18
C LEU A 366 0.81 4.73 19.54
N PRO A 367 1.93 4.71 20.29
CA PRO A 367 3.15 5.28 19.69
C PRO A 367 3.86 4.51 18.58
N SER A 368 3.76 3.18 18.57
CA SER A 368 4.61 2.40 17.68
C SER A 368 3.87 1.17 17.17
N LEU A 369 4.34 0.63 16.05
CA LEU A 369 3.87 -0.66 15.55
C LEU A 369 5.05 -1.45 15.04
N MET A 370 4.84 -2.77 14.92
CA MET A 370 5.84 -3.68 14.27
C MET A 370 5.86 -3.50 12.75
N ASP A 371 7.05 -3.30 12.18
CA ASP A 371 7.16 -2.99 10.76
C ASP A 371 7.22 -4.27 9.92
N PHE A 372 6.13 -5.05 9.95
CA PHE A 372 6.01 -6.21 9.08
C PHE A 372 6.20 -5.90 7.58
N PRO A 373 5.65 -4.79 7.07
CA PRO A 373 5.89 -4.54 5.62
C PRO A 373 7.38 -4.47 5.23
N LEU A 374 8.18 -3.79 6.04
CA LEU A 374 9.58 -3.55 5.63
C LEU A 374 10.39 -4.84 5.84
N VAL A 375 10.07 -5.56 6.91
CA VAL A 375 10.75 -6.86 7.14
C VAL A 375 10.47 -7.85 6.00
N ASP A 376 9.19 -7.91 5.60
CA ASP A 376 8.79 -8.82 4.52
C ASP A 376 9.54 -8.47 3.23
N ALA A 377 9.64 -7.18 2.94
CA ALA A 377 10.29 -6.69 1.74
C ALA A 377 11.77 -7.11 1.71
N MET A 378 12.49 -6.88 2.82
CA MET A 378 13.91 -7.26 2.85
C MET A 378 14.13 -8.80 2.81
N ARG A 379 13.31 -9.56 3.53
CA ARG A 379 13.39 -11.03 3.44
C ARG A 379 13.16 -11.51 2.00
N ASN A 380 12.22 -10.89 1.30
CA ASN A 380 11.98 -11.27 -0.11
C ASN A 380 13.20 -10.93 -0.96
N ALA A 381 13.74 -9.73 -0.74
CA ALA A 381 14.87 -9.27 -1.52
C ALA A 381 16.08 -10.19 -1.35
N LEU A 382 16.32 -10.67 -0.13
CA LEU A 382 17.54 -11.43 0.18
C LEU A 382 17.39 -12.91 -0.15
N SER A 383 16.15 -13.38 -0.28
CA SER A 383 15.92 -14.81 -0.59
C SER A 383 15.69 -15.09 -2.08
N LYS A 384 15.00 -14.18 -2.76
CA LYS A 384 14.68 -14.34 -4.20
C LYS A 384 15.87 -13.87 -5.02
N THR A 385 16.96 -14.62 -4.88
CA THR A 385 18.24 -14.18 -5.42
C THR A 385 18.35 -14.25 -6.94
N GLY A 386 17.40 -14.93 -7.58
CA GLY A 386 17.30 -14.92 -9.03
C GLY A 386 16.64 -13.69 -9.67
N GLU A 387 16.05 -12.83 -8.83
CA GLU A 387 15.49 -11.55 -9.30
C GLU A 387 16.59 -10.57 -9.67
N GLU A 388 16.38 -9.80 -10.72
CA GLU A 388 17.37 -8.81 -11.16
C GLU A 388 17.50 -7.68 -10.15
N ASN A 389 16.39 -7.29 -9.52
CA ASN A 389 16.42 -6.09 -8.67
C ASN A 389 15.48 -6.22 -7.45
N GLY A 390 15.56 -7.34 -6.73
CA GLY A 390 14.73 -7.63 -5.57
C GLY A 390 14.71 -6.52 -4.51
N LEU A 391 15.84 -5.81 -4.37
CA LEU A 391 15.94 -4.75 -3.37
C LEU A 391 14.96 -3.59 -3.68
N ASN A 392 14.46 -3.52 -4.91
CA ASN A 392 13.51 -2.44 -5.26
C ASN A 392 12.27 -2.46 -4.37
N GLU A 393 11.88 -3.65 -3.92
CA GLU A 393 10.73 -3.78 -3.02
C GLU A 393 10.96 -3.09 -1.67
N VAL A 394 12.21 -3.12 -1.18
CA VAL A 394 12.54 -2.50 0.09
C VAL A 394 12.50 -0.98 -0.06
N TYR A 395 13.14 -0.50 -1.14
CA TYR A 395 13.17 0.92 -1.45
C TYR A 395 11.73 1.46 -1.58
N GLU A 396 10.91 0.80 -2.39
CA GLU A 396 9.53 1.27 -2.56
C GLU A 396 8.74 1.24 -1.25
N THR A 397 8.90 0.19 -0.45
CA THR A 397 8.16 0.12 0.80
C THR A 397 8.56 1.30 1.69
N LEU A 398 9.87 1.53 1.79
CA LEU A 398 10.37 2.59 2.64
C LEU A 398 9.87 3.98 2.18
N SER A 399 9.67 4.13 0.87
CA SER A 399 9.20 5.39 0.29
C SER A 399 7.79 5.73 0.79
N LEU A 400 7.09 4.72 1.32
CA LEU A 400 5.72 4.96 1.83
C LEU A 400 5.71 5.44 3.28
N ASP A 401 6.90 5.75 3.83
CA ASP A 401 6.98 6.15 5.24
C ASP A 401 6.12 7.37 5.57
N TYR A 402 5.83 8.19 4.57
CA TYR A 402 4.97 9.38 4.78
C TYR A 402 3.55 8.98 5.26
N LEU A 403 3.18 7.70 5.09
CA LEU A 403 1.84 7.24 5.58
C LEU A 403 1.81 7.14 7.10
N TYR A 404 2.99 7.02 7.73
CA TYR A 404 3.08 6.97 9.18
C TYR A 404 3.34 8.38 9.76
N PRO A 405 2.60 8.74 10.82
CA PRO A 405 2.93 9.99 11.52
C PRO A 405 4.36 10.03 12.06
N GLU A 406 4.87 8.89 12.54
CA GLU A 406 6.21 8.78 13.17
C GLU A 406 6.92 7.49 12.77
N PRO A 407 7.37 7.42 11.52
CA PRO A 407 7.99 6.16 11.04
C PRO A 407 9.23 5.85 11.84
N GLN A 408 9.93 6.89 12.32
CA GLN A 408 11.13 6.71 13.13
C GLN A 408 10.87 5.93 14.43
N ASN A 409 9.61 5.89 14.86
CA ASN A 409 9.25 5.25 16.14
C ASN A 409 8.75 3.82 15.98
N LEU A 410 8.70 3.35 14.74
CA LEU A 410 8.31 1.96 14.44
C LEU A 410 9.42 0.99 14.81
N VAL A 411 9.01 -0.24 15.16
CA VAL A 411 9.97 -1.29 15.48
C VAL A 411 10.25 -2.13 14.26
N LEU A 412 11.49 -2.07 13.79
CA LEU A 412 11.93 -2.93 12.68
C LEU A 412 12.65 -4.13 13.30
N PHE A 413 12.45 -5.34 12.79
CA PHE A 413 13.00 -6.51 13.48
C PHE A 413 13.73 -7.48 12.55
N GLY A 414 14.71 -8.19 13.10
CA GLY A 414 15.40 -9.24 12.32
C GLY A 414 14.52 -10.47 12.18
N GLY A 415 13.67 -10.64 13.18
CA GLY A 415 12.73 -11.78 13.23
C GLY A 415 12.02 -11.77 14.57
N ASN A 416 11.26 -12.84 14.81
CA ASN A 416 10.57 -13.04 16.07
C ASN A 416 10.09 -14.47 16.18
N HIS A 417 9.34 -14.76 17.25
CA HIS A 417 8.96 -16.13 17.59
C HIS A 417 7.85 -16.67 16.67
N ASP A 418 7.32 -15.85 15.76
CA ASP A 418 6.22 -16.27 14.88
C ASP A 418 6.61 -16.49 13.41
N MET A 419 7.88 -16.32 13.06
CA MET A 419 8.29 -16.42 11.65
C MET A 419 9.63 -17.13 11.54
N ALA A 420 9.96 -17.53 10.31
CA ALA A 420 11.16 -18.30 10.03
C ALA A 420 12.35 -17.57 10.63
N ARG A 421 13.28 -18.33 11.18
CA ARG A 421 14.55 -17.77 11.66
C ARG A 421 15.25 -16.91 10.60
N MET A 422 15.75 -15.77 11.05
CA MET A 422 16.44 -14.80 10.19
C MET A 422 17.46 -15.43 9.23
N PHE A 423 18.32 -16.31 9.74
CA PHE A 423 19.37 -16.92 8.91
C PHE A 423 18.78 -17.87 7.84
N SER A 424 17.75 -18.63 8.25
CA SER A 424 17.00 -19.47 7.32
C SER A 424 16.25 -18.67 6.26
N ALA A 425 15.64 -17.55 6.66
CA ALA A 425 14.95 -16.65 5.72
C ALA A 425 15.91 -16.06 4.67
N ALA A 426 17.20 -15.96 5.02
CA ALA A 426 18.24 -15.48 4.14
C ALA A 426 18.90 -16.62 3.36
N GLY A 427 18.29 -17.80 3.38
CA GLY A 427 18.78 -18.96 2.61
C GLY A 427 20.09 -19.52 3.15
N GLU A 428 20.35 -19.34 4.44
CA GLU A 428 21.61 -19.75 5.08
C GLU A 428 22.84 -19.16 4.37
N ASP A 429 22.64 -17.97 3.80
CA ASP A 429 23.67 -17.26 3.07
C ASP A 429 24.20 -16.18 4.01
N PHE A 430 25.40 -16.39 4.54
CA PHE A 430 25.95 -15.50 5.58
C PHE A 430 26.15 -14.08 5.04
N ASP A 431 26.60 -13.95 3.79
CA ASP A 431 26.82 -12.64 3.19
C ASP A 431 25.51 -11.86 3.07
N ARG A 432 24.46 -12.55 2.65
CA ARG A 432 23.16 -11.86 2.56
C ARG A 432 22.58 -11.54 3.95
N TRP A 433 22.78 -12.46 4.89
CA TRP A 433 22.39 -12.25 6.28
C TRP A 433 23.05 -10.97 6.83
N ARG A 434 24.33 -10.76 6.50
CA ARG A 434 25.02 -9.53 6.93
C ARG A 434 24.30 -8.27 6.44
N MET A 435 23.82 -8.33 5.20
CA MET A 435 23.04 -7.20 4.64
C MET A 435 21.77 -6.93 5.46
N ASN A 436 21.04 -7.98 5.84
CA ASN A 436 19.87 -7.83 6.75
C ASN A 436 20.27 -7.20 8.11
N LEU A 437 21.41 -7.61 8.63
CA LEU A 437 21.80 -7.12 9.94
C LEU A 437 22.19 -5.63 9.86
N VAL A 438 22.96 -5.28 8.83
CA VAL A 438 23.36 -3.89 8.59
C VAL A 438 22.13 -3.02 8.40
N PHE A 439 21.18 -3.50 7.61
CA PHE A 439 19.92 -2.78 7.36
C PHE A 439 19.19 -2.51 8.68
N LEU A 440 19.05 -3.55 9.49
CA LEU A 440 18.32 -3.47 10.74
C LEU A 440 18.89 -2.38 11.65
N MET A 441 20.22 -2.31 11.70
CA MET A 441 20.95 -1.45 12.63
C MET A 441 21.16 -0.01 12.13
N THR A 442 20.76 0.26 10.88
CA THR A 442 21.00 1.57 10.26
C THR A 442 19.75 2.28 9.75
N MET A 443 18.64 1.56 9.67
CA MET A 443 17.37 2.18 9.24
C MET A 443 16.88 3.19 10.29
N PRO A 444 16.04 4.15 9.86
CA PRO A 444 15.41 5.11 10.79
C PRO A 444 14.20 4.43 11.50
N ARG A 445 14.55 3.56 12.42
CA ARG A 445 13.61 2.72 13.14
C ARG A 445 14.21 2.40 14.51
N ILE A 446 13.38 1.77 15.33
CA ILE A 446 13.86 1.13 16.54
C ILE A 446 14.13 -0.36 16.23
N PRO A 447 15.40 -0.81 16.30
CA PRO A 447 15.65 -2.19 15.93
C PRO A 447 15.32 -3.19 17.06
N GLN A 448 14.78 -4.36 16.67
CA GLN A 448 14.49 -5.44 17.60
C GLN A 448 15.10 -6.71 17.01
N PHE A 449 15.69 -7.52 17.89
CA PHE A 449 16.44 -8.68 17.43
C PHE A 449 15.93 -9.86 18.24
N TYR A 450 15.87 -11.04 17.62
CA TYR A 450 15.28 -12.22 18.28
C TYR A 450 16.40 -13.16 18.80
N SER A 451 16.36 -13.43 20.10
CA SER A 451 17.34 -14.28 20.78
C SER A 451 17.59 -15.57 19.98
N GLY A 452 18.87 -15.86 19.76
CA GLY A 452 19.30 -16.99 18.98
C GLY A 452 19.73 -16.65 17.56
N ASP A 453 19.22 -15.54 17.01
CA ASP A 453 19.63 -15.12 15.68
C ASP A 453 21.11 -14.72 15.64
N GLU A 454 21.68 -14.39 16.80
CA GLU A 454 23.09 -13.91 16.86
C GLU A 454 24.04 -15.10 16.68
N ILE A 455 23.51 -16.31 16.78
CA ILE A 455 24.30 -17.51 16.39
C ILE A 455 23.67 -18.34 15.26
N LEU A 456 22.83 -17.68 14.44
CA LEU A 456 22.36 -18.25 13.17
C LEU A 456 21.53 -19.52 13.37
N MET A 457 20.74 -19.53 14.45
CA MET A 457 19.75 -20.61 14.61
C MET A 457 18.86 -20.70 13.38
N THR A 458 18.53 -21.94 13.03
CA THR A 458 17.78 -22.20 11.81
C THR A 458 16.38 -22.74 12.14
N SER A 459 15.53 -22.71 11.13
CA SER A 459 14.19 -23.24 11.23
C SER A 459 13.72 -23.68 9.85
N THR A 460 12.53 -24.30 9.80
CA THR A 460 11.85 -24.45 8.52
C THR A 460 11.52 -23.07 7.96
N VAL A 461 11.42 -22.95 6.64
CA VAL A 461 11.01 -21.66 6.05
C VAL A 461 9.60 -21.63 5.51
N LYS A 462 9.16 -22.76 4.96
CA LYS A 462 7.83 -22.89 4.37
C LYS A 462 6.75 -22.88 5.45
N GLY A 463 5.66 -22.21 5.15
CA GLY A 463 4.45 -22.26 5.96
C GLY A 463 4.63 -21.79 7.37
N ARG A 464 4.01 -22.53 8.29
CA ARG A 464 3.94 -22.12 9.68
C ARG A 464 4.32 -23.29 10.58
N ASP A 465 5.36 -23.08 11.38
CA ASP A 465 5.93 -24.17 12.16
C ASP A 465 6.51 -23.57 13.43
N ASP A 466 5.61 -23.23 14.36
CA ASP A 466 5.97 -22.43 15.54
C ASP A 466 7.12 -23.05 16.35
N ALA A 467 7.06 -24.36 16.55
CA ALA A 467 8.08 -25.03 17.33
C ALA A 467 9.47 -24.78 16.72
N SER A 468 9.54 -24.75 15.39
CA SER A 468 10.82 -24.64 14.73
C SER A 468 11.52 -23.29 15.01
N TYR A 469 10.72 -22.27 15.35
CA TYR A 469 11.25 -20.90 15.59
C TYR A 469 11.70 -20.67 17.02
N ARG A 470 11.51 -21.67 17.88
CA ARG A 470 11.55 -21.45 19.31
C ARG A 470 12.45 -22.45 20.04
N ARG A 471 13.48 -22.92 19.35
CA ARG A 471 14.41 -23.90 19.93
C ARG A 471 15.18 -23.29 21.10
N ASP A 472 15.56 -24.12 22.07
CA ASP A 472 16.21 -23.61 23.27
C ASP A 472 17.51 -22.90 22.93
N PHE A 473 17.77 -21.81 23.66
CA PHE A 473 19.02 -21.09 23.47
C PHE A 473 20.19 -21.99 23.91
N PRO A 474 21.20 -22.18 23.02
CA PRO A 474 22.32 -23.03 23.46
C PRO A 474 23.15 -22.42 24.60
N GLY A 475 23.16 -23.11 25.74
CA GLY A 475 23.83 -22.64 26.93
C GLY A 475 22.85 -22.33 28.04
N GLY A 476 21.56 -22.35 27.73
CA GLY A 476 20.56 -22.00 28.71
C GLY A 476 20.20 -23.14 29.67
N TRP A 477 20.71 -24.34 29.38
CA TRP A 477 20.40 -25.53 30.17
C TRP A 477 21.69 -26.20 30.59
N ALA A 478 21.73 -26.63 31.84
CA ALA A 478 22.84 -27.44 32.36
C ALA A 478 23.11 -28.62 31.42
N GLY A 479 24.38 -28.85 31.08
CA GLY A 479 24.75 -29.95 30.22
C GLY A 479 24.79 -29.66 28.74
N ASP A 480 24.39 -28.44 28.32
CA ASP A 480 24.41 -28.13 26.89
C ASP A 480 25.84 -28.26 26.34
N LYS A 481 25.98 -28.91 25.20
CA LYS A 481 27.33 -29.14 24.61
C LYS A 481 27.93 -27.84 24.08
N ALA A 482 27.05 -26.97 23.55
CA ALA A 482 27.48 -25.64 23.10
C ALA A 482 26.83 -24.61 23.97
N ASN A 483 27.56 -23.53 24.24
CA ASN A 483 27.11 -22.48 25.13
C ASN A 483 27.39 -21.12 24.51
N ALA A 484 26.35 -20.52 23.93
CA ALA A 484 26.52 -19.25 23.24
C ALA A 484 26.82 -18.07 24.20
N PHE A 485 26.45 -18.24 25.47
CA PHE A 485 26.79 -17.23 26.48
C PHE A 485 28.31 -17.16 26.70
N SER A 486 28.97 -18.32 26.72
CA SER A 486 30.42 -18.36 26.96
C SER A 486 31.22 -18.40 25.65
N GLY A 487 30.57 -18.83 24.56
CA GLY A 487 31.22 -19.02 23.27
C GLY A 487 31.70 -20.46 23.08
N ALA A 488 31.63 -21.27 24.13
CA ALA A 488 32.08 -22.68 24.04
C ALA A 488 31.27 -23.44 23.01
N GLY A 489 31.97 -24.16 22.14
CA GLY A 489 31.29 -25.07 21.20
C GLY A 489 30.62 -24.43 20.00
N LEU A 490 30.75 -23.11 19.84
CA LEU A 490 30.23 -22.44 18.63
C LEU A 490 31.12 -22.69 17.45
N THR A 491 30.51 -22.84 16.28
CA THR A 491 31.31 -22.95 15.06
C THR A 491 31.89 -21.58 14.71
N SER A 492 32.86 -21.55 13.79
CA SER A 492 33.44 -20.28 13.40
C SER A 492 32.40 -19.34 12.79
N GLN A 493 31.47 -19.90 11.99
CA GLN A 493 30.42 -19.02 11.39
C GLN A 493 29.46 -18.49 12.47
N GLN A 494 29.08 -19.33 13.42
CA GLN A 494 28.23 -18.90 14.53
C GLN A 494 28.88 -17.78 15.32
N ARG A 495 30.18 -17.96 15.61
CA ARG A 495 30.90 -16.97 16.38
C ARG A 495 31.04 -15.68 15.60
N ALA A 496 31.26 -15.79 14.30
CA ALA A 496 31.40 -14.62 13.42
C ALA A 496 30.11 -13.83 13.44
N ALA A 497 28.97 -14.53 13.34
CA ALA A 497 27.66 -13.87 13.44
C ALA A 497 27.53 -13.12 14.76
N GLN A 498 27.84 -13.81 15.87
CA GLN A 498 27.68 -13.20 17.18
C GLN A 498 28.62 -12.00 17.36
N ASP A 499 29.86 -12.12 16.86
CA ASP A 499 30.79 -10.97 16.91
C ASP A 499 30.23 -9.77 16.13
N LEU A 500 29.57 -10.04 14.99
CA LEU A 500 29.11 -8.94 14.14
C LEU A 500 27.92 -8.26 14.80
N VAL A 501 27.03 -9.04 15.40
CA VAL A 501 25.93 -8.45 16.18
C VAL A 501 26.45 -7.57 17.30
N ARG A 502 27.43 -8.07 18.06
CA ARG A 502 27.98 -7.32 19.18
C ARG A 502 28.62 -6.01 18.68
N LYS A 503 29.35 -6.13 17.57
CA LYS A 503 30.03 -4.98 16.98
C LYS A 503 29.04 -3.91 16.53
N LEU A 504 28.04 -4.32 15.75
CA LEU A 504 27.09 -3.37 15.19
C LEU A 504 26.17 -2.78 16.25
N ALA A 505 25.66 -3.60 17.16
CA ALA A 505 24.75 -3.09 18.18
C ALA A 505 25.44 -2.10 19.14
N ASN A 506 26.67 -2.42 19.56
CA ASN A 506 27.39 -1.50 20.42
C ASN A 506 27.74 -0.20 19.72
N TRP A 507 28.13 -0.30 18.45
CA TRP A 507 28.42 0.89 17.62
C TRP A 507 27.15 1.73 17.48
N ARG A 508 26.03 1.05 17.21
CA ARG A 508 24.76 1.77 17.03
C ARG A 508 24.36 2.63 18.23
N LYS A 509 24.63 2.14 19.45
CA LYS A 509 24.27 2.88 20.67
C LYS A 509 24.89 4.28 20.64
N ASN A 510 26.02 4.39 19.97
CA ASN A 510 26.77 5.64 19.93
C ASN A 510 26.59 6.46 18.66
N GLN A 511 25.53 6.19 17.91
CA GLN A 511 25.32 6.87 16.62
C GLN A 511 24.05 7.70 16.59
N PRO A 512 24.11 8.91 17.15
CA PRO A 512 22.95 9.79 17.01
C PRO A 512 22.46 9.96 15.58
N VAL A 513 23.36 9.90 14.60
CA VAL A 513 22.90 10.07 13.22
C VAL A 513 21.94 8.95 12.77
N ILE A 514 22.08 7.76 13.37
CA ILE A 514 21.13 6.65 13.08
C ILE A 514 19.83 6.85 13.87
N HIS A 515 19.96 7.37 15.08
CA HIS A 515 18.79 7.56 15.95
C HIS A 515 17.85 8.64 15.43
N ASN A 516 18.43 9.72 14.92
CA ASN A 516 17.64 10.88 14.57
C ASN A 516 18.10 11.67 13.34
N GLY A 517 19.11 11.18 12.65
CA GLY A 517 19.54 11.81 11.41
C GLY A 517 18.55 11.59 10.28
N ARG A 518 18.74 12.30 9.19
CA ARG A 518 17.91 12.09 8.02
C ARG A 518 18.30 10.80 7.33
N LEU A 519 17.43 10.38 6.42
CA LEU A 519 17.70 9.28 5.53
C LEU A 519 17.53 9.79 4.09
N MET A 520 18.51 9.52 3.23
CA MET A 520 18.31 9.67 1.80
C MET A 520 18.73 8.36 1.16
N HIS A 521 17.80 7.72 0.45
CA HIS A 521 18.16 6.50 -0.26
C HIS A 521 18.06 6.72 -1.76
N PHE A 522 18.70 5.81 -2.51
CA PHE A 522 18.69 5.83 -3.96
C PHE A 522 17.97 4.58 -4.46
N GLY A 523 17.24 4.69 -5.56
CA GLY A 523 16.58 3.54 -6.15
C GLY A 523 17.61 2.48 -6.45
N PRO A 524 17.35 1.25 -6.01
CA PRO A 524 18.27 0.14 -6.34
C PRO A 524 18.31 -0.13 -7.83
N GLU A 525 19.48 -0.52 -8.33
CA GLU A 525 19.65 -0.84 -9.74
C GLU A 525 20.42 -2.14 -9.82
N GLU A 526 19.84 -3.12 -10.51
CA GLU A 526 20.41 -4.48 -10.59
C GLU A 526 20.80 -5.03 -9.21
N ASN A 527 19.91 -4.88 -8.23
CA ASN A 527 20.11 -5.43 -6.90
C ASN A 527 21.34 -4.90 -6.16
N THR A 528 21.68 -3.65 -6.45
CA THR A 528 22.65 -2.90 -5.66
C THR A 528 21.87 -1.72 -5.08
N TRP A 529 22.21 -1.37 -3.87
CA TRP A 529 21.45 -0.34 -3.17
C TRP A 529 22.36 0.52 -2.32
N VAL A 530 22.19 1.85 -2.43
CA VAL A 530 22.95 2.80 -1.67
C VAL A 530 22.00 3.70 -0.90
N TYR A 531 22.28 3.91 0.39
CA TYR A 531 21.57 4.93 1.17
C TYR A 531 22.49 5.58 2.19
N PHE A 532 22.04 6.73 2.69
CA PHE A 532 22.81 7.52 3.65
C PHE A 532 21.94 7.90 4.84
N ARG A 533 22.50 7.81 6.03
CA ARG A 533 21.99 8.52 7.22
C ARG A 533 22.89 9.76 7.38
N TYR A 534 22.30 10.92 7.61
CA TYR A 534 23.10 12.14 7.56
C TYR A 534 22.58 13.25 8.45
N ASN A 535 23.53 14.05 8.92
CA ASN A 535 23.23 15.32 9.56
C ASN A 535 24.50 16.17 9.45
N LYS A 536 24.55 17.32 10.12
CA LYS A 536 25.71 18.21 9.96
C LYS A 536 27.00 17.62 10.54
N ASP A 537 26.89 16.60 11.40
CA ASP A 537 28.05 16.04 12.12
C ASP A 537 28.62 14.77 11.49
N LYS A 538 27.77 14.00 10.81
CA LYS A 538 28.22 12.71 10.28
C LYS A 538 27.37 12.24 9.11
N ARG A 539 27.99 11.50 8.20
CA ARG A 539 27.26 10.75 7.18
C ARG A 539 27.65 9.29 7.34
N ILE A 540 26.65 8.42 7.25
CA ILE A 540 26.90 6.99 7.17
C ILE A 540 26.34 6.53 5.85
N MET A 541 27.23 6.01 5.00
CA MET A 541 26.85 5.51 3.69
C MET A 541 26.80 3.98 3.73
N VAL A 542 25.61 3.42 3.50
CA VAL A 542 25.48 1.98 3.36
C VAL A 542 25.32 1.61 1.88
N ALA A 543 26.07 0.60 1.46
CA ALA A 543 25.99 0.15 0.07
C ALA A 543 26.05 -1.36 0.10
N MET A 544 25.07 -1.98 -0.55
CA MET A 544 25.01 -3.43 -0.63
C MET A 544 24.92 -3.93 -2.05
N ASN A 545 25.63 -5.03 -2.30
CA ASN A 545 25.64 -5.63 -3.61
C ASN A 545 25.04 -7.02 -3.47
N ASN A 546 23.73 -7.08 -3.72
CA ASN A 546 22.94 -8.32 -3.55
C ASN A 546 23.02 -9.15 -4.85
N ASN A 547 24.26 -9.50 -5.23
CA ASN A 547 24.53 -10.29 -6.45
C ASN A 547 25.74 -11.15 -6.20
N ASP A 548 25.80 -12.33 -6.82
CA ASP A 548 27.02 -13.16 -6.76
C ASP A 548 28.01 -12.84 -7.88
N LYS A 549 28.26 -11.55 -8.07
CA LYS A 549 29.19 -11.01 -9.06
C LYS A 549 29.59 -9.62 -8.58
N PRO A 550 30.78 -9.14 -8.98
CA PRO A 550 31.15 -7.79 -8.56
C PRO A 550 30.30 -6.76 -9.29
N MET A 551 30.10 -5.61 -8.66
CA MET A 551 29.36 -4.54 -9.31
C MET A 551 30.10 -3.24 -9.08
N THR A 552 30.04 -2.35 -10.06
CA THR A 552 30.70 -1.05 -9.95
C THR A 552 29.68 0.06 -10.16
N LEU A 553 29.61 0.97 -9.20
CA LEU A 553 28.63 2.06 -9.24
C LEU A 553 29.33 3.42 -9.36
N PRO A 554 29.11 4.13 -10.49
CA PRO A 554 29.62 5.49 -10.68
C PRO A 554 29.14 6.33 -9.51
N THR A 555 30.04 7.10 -8.90
CA THR A 555 29.63 7.90 -7.74
C THR A 555 29.05 9.27 -8.09
N ALA A 556 29.10 9.66 -9.37
CA ALA A 556 28.44 10.91 -9.78
C ALA A 556 26.98 10.89 -9.33
N ARG A 557 26.40 9.69 -9.35
CA ARG A 557 24.98 9.51 -9.02
C ARG A 557 24.63 10.02 -7.62
N PHE A 558 25.59 9.85 -6.70
CA PHE A 558 25.35 10.06 -5.26
C PHE A 558 25.91 11.38 -4.76
N GLN A 559 26.28 12.27 -5.67
CA GLN A 559 26.96 13.52 -5.26
C GLN A 559 26.20 14.47 -4.32
N GLU A 560 24.87 14.41 -4.31
CA GLU A 560 24.14 15.31 -3.40
C GLU A 560 24.40 14.88 -1.95
N MET A 561 24.79 13.61 -1.77
CA MET A 561 25.18 13.13 -0.46
C MET A 561 26.71 13.10 -0.27
N LEU A 562 27.44 12.82 -1.36
CA LEU A 562 28.90 12.65 -1.23
C LEU A 562 29.67 13.97 -1.27
N LYS A 563 29.17 14.93 -2.04
CA LYS A 563 29.78 16.29 -2.14
C LYS A 563 31.30 16.17 -2.31
N GLY A 564 31.70 15.30 -3.24
CA GLY A 564 33.12 15.15 -3.60
C GLY A 564 34.04 14.39 -2.64
N ALA A 565 33.47 13.71 -1.65
CA ALA A 565 34.29 12.87 -0.77
C ALA A 565 35.12 11.88 -1.61
N PRO A 566 36.47 11.90 -1.44
CA PRO A 566 37.30 11.01 -2.27
C PRO A 566 37.26 9.56 -1.83
N SER A 567 36.87 9.33 -0.58
CA SER A 567 36.92 8.02 0.06
C SER A 567 36.40 8.07 1.50
N GLY A 568 36.20 6.90 2.10
CA GLY A 568 35.86 6.84 3.51
C GLY A 568 36.19 5.45 4.03
N VAL A 569 36.26 5.32 5.35
CA VAL A 569 36.57 4.05 5.99
C VAL A 569 35.30 3.20 6.25
N ASP A 570 35.32 1.99 5.71
CA ASP A 570 34.25 1.01 5.97
C ASP A 570 34.38 0.49 7.41
N PHE A 571 33.34 0.71 8.22
CA PHE A 571 33.36 0.27 9.62
C PHE A 571 33.48 -1.25 9.75
N LEU A 572 32.92 -1.98 8.78
CA LEU A 572 32.93 -3.45 8.88
C LEU A 572 34.34 -4.03 8.73
N SER A 573 35.04 -3.60 7.70
CA SER A 573 36.35 -4.17 7.34
C SER A 573 37.51 -3.31 7.85
N GLY A 574 37.24 -2.05 8.18
CA GLY A 574 38.32 -1.15 8.59
C GLY A 574 39.09 -0.60 7.39
N LYS A 575 38.71 -1.04 6.18
CA LYS A 575 39.39 -0.62 4.96
C LYS A 575 38.89 0.74 4.46
N THR A 576 39.80 1.47 3.82
CA THR A 576 39.44 2.68 3.07
C THR A 576 38.85 2.31 1.70
N VAL A 577 37.65 2.83 1.43
CA VAL A 577 36.92 2.56 0.19
C VAL A 577 36.93 3.82 -0.70
N GLY A 578 37.36 3.68 -1.95
CA GLY A 578 37.39 4.81 -2.88
C GLY A 578 35.99 5.24 -3.31
N LEU A 579 35.79 6.55 -3.46
CA LEU A 579 34.49 7.10 -3.83
C LEU A 579 34.61 8.23 -4.84
N GLY A 580 35.85 8.53 -5.25
CA GLY A 580 36.11 9.62 -6.19
C GLY A 580 35.32 9.56 -7.48
N ARG A 581 35.35 8.43 -8.18
CA ARG A 581 34.62 8.26 -9.45
C ARG A 581 33.67 7.05 -9.49
N GLU A 582 33.97 6.04 -8.69
CA GLU A 582 33.17 4.82 -8.68
C GLU A 582 33.33 4.07 -7.38
N LEU A 583 32.28 3.34 -7.02
CA LEU A 583 32.29 2.49 -5.86
C LEU A 583 32.32 1.04 -6.36
N ARG A 584 33.40 0.34 -6.03
CA ARG A 584 33.60 -1.03 -6.50
C ARG A 584 33.23 -2.05 -5.43
N LEU A 585 32.10 -2.73 -5.62
CA LEU A 585 31.65 -3.69 -4.63
C LEU A 585 31.97 -5.12 -5.03
N ALA A 586 32.50 -5.88 -4.08
CA ALA A 586 32.80 -7.31 -4.30
C ALA A 586 31.48 -8.11 -4.33
N PRO A 587 31.50 -9.34 -4.85
CA PRO A 587 30.27 -10.16 -4.81
C PRO A 587 29.66 -10.23 -3.40
N LYS A 588 28.33 -10.10 -3.32
CA LYS A 588 27.60 -10.30 -2.06
C LYS A 588 28.13 -9.47 -0.90
N SER A 589 28.54 -8.24 -1.17
CA SER A 589 29.20 -7.42 -0.15
C SER A 589 28.29 -6.33 0.39
N VAL A 590 28.63 -5.87 1.59
CA VAL A 590 28.00 -4.68 2.17
C VAL A 590 29.08 -3.86 2.89
N VAL A 591 29.05 -2.55 2.68
CA VAL A 591 29.98 -1.64 3.36
C VAL A 591 29.17 -0.61 4.15
N VAL A 592 29.76 -0.14 5.25
CA VAL A 592 29.16 0.88 6.12
C VAL A 592 30.26 1.95 6.26
N ILE A 593 30.24 2.88 5.32
CA ILE A 593 31.33 3.87 5.20
C ILE A 593 30.98 5.08 6.04
N GLU A 594 31.89 5.47 6.92
CA GLU A 594 31.66 6.62 7.82
C GLU A 594 32.38 7.85 7.28
N LEU A 595 31.67 8.96 7.26
CA LEU A 595 32.18 10.18 6.61
C LEU A 595 31.90 11.41 7.48
N PRO A 596 32.61 12.53 7.20
CA PRO A 596 32.29 13.74 7.95
C PRO A 596 30.87 14.19 7.67
N GLY A 597 30.43 15.18 8.44
CA GLY A 597 29.10 15.76 8.28
C GLY A 597 28.80 16.29 6.89
N LEU A 598 27.52 16.45 6.63
CA LEU A 598 27.03 17.13 5.44
C LEU A 598 26.62 18.55 5.85
N PRO A 599 27.26 19.57 5.28
CA PRO A 599 26.85 20.95 5.57
C PRO A 599 25.37 21.21 5.23
N PRO B 3 13.16 25.54 -45.35
CA PRO B 3 11.72 25.75 -45.34
C PRO B 3 11.22 26.80 -46.35
N THR B 4 10.02 26.57 -46.89
CA THR B 4 9.34 27.54 -47.76
C THR B 4 8.44 28.51 -46.95
N ALA B 5 8.96 29.73 -46.71
CA ALA B 5 8.27 30.79 -46.00
C ALA B 5 7.96 30.38 -44.56
N ILE B 6 6.68 30.15 -44.26
CA ILE B 6 6.29 29.59 -42.96
C ILE B 6 6.00 28.11 -43.16
N GLU B 7 6.84 27.27 -42.57
CA GLU B 7 6.66 25.82 -42.70
C GLU B 7 5.64 25.24 -41.71
N HIS B 8 5.68 25.70 -40.46
CA HIS B 8 4.74 25.23 -39.43
C HIS B 8 4.19 26.44 -38.67
N MET B 9 2.88 26.47 -38.47
CA MET B 9 2.21 27.42 -37.57
C MET B 9 1.41 26.57 -36.58
N GLU B 10 1.72 26.70 -35.28
CA GLU B 10 1.15 25.79 -34.26
C GLU B 10 0.77 26.52 -32.96
N PRO B 11 -0.53 26.45 -32.56
CA PRO B 11 -1.63 25.78 -33.26
C PRO B 11 -1.96 26.52 -34.55
N PRO B 12 -2.50 25.79 -35.55
CA PRO B 12 -2.72 26.40 -36.88
C PRO B 12 -3.94 27.34 -36.99
N PHE B 13 -4.83 27.21 -36.01
CA PHE B 13 -6.00 28.07 -35.84
C PHE B 13 -6.45 27.90 -34.38
N TRP B 14 -7.37 28.75 -33.93
CA TRP B 14 -7.84 28.69 -32.56
C TRP B 14 -9.30 29.07 -32.52
N TRP B 15 -9.77 29.41 -31.33
CA TRP B 15 -11.20 29.63 -31.14
C TRP B 15 -11.39 30.93 -30.38
N ALA B 16 -12.43 31.67 -30.75
CA ALA B 16 -12.95 32.75 -29.91
C ALA B 16 -13.60 32.11 -28.68
N GLY B 17 -13.54 32.82 -27.56
CA GLY B 17 -14.34 32.41 -26.40
C GLY B 17 -13.78 31.27 -25.55
N MET B 18 -12.46 31.08 -25.59
CA MET B 18 -11.82 30.11 -24.67
C MET B 18 -11.67 30.71 -23.28
N GLN B 19 -11.43 29.86 -22.28
CA GLN B 19 -11.28 30.34 -20.92
C GLN B 19 -9.99 31.13 -20.72
N HIS B 20 -8.87 30.54 -21.15
CA HIS B 20 -7.57 31.19 -21.07
C HIS B 20 -7.47 32.10 -22.30
N LYS B 21 -7.23 33.39 -22.07
CA LYS B 21 -7.24 34.34 -23.19
C LYS B 21 -5.95 34.28 -24.00
N GLY B 22 -4.84 33.95 -23.34
CA GLY B 22 -3.53 33.88 -23.99
C GLY B 22 -3.43 32.80 -25.04
N LEU B 23 -2.78 33.13 -26.15
CA LEU B 23 -2.47 32.15 -27.19
C LEU B 23 -1.03 32.38 -27.61
N GLN B 24 -0.23 31.33 -27.55
CA GLN B 24 1.16 31.41 -27.99
C GLN B 24 1.37 30.61 -29.27
N LEU B 25 1.68 31.33 -30.35
CA LEU B 25 1.94 30.68 -31.63
C LEU B 25 3.40 30.32 -31.78
N MET B 26 3.66 29.08 -32.18
CA MET B 26 5.01 28.64 -32.46
C MET B 26 5.15 28.56 -33.97
N VAL B 27 5.93 29.51 -34.49
CA VAL B 27 6.08 29.68 -35.94
C VAL B 27 7.45 29.15 -36.35
N HIS B 28 7.46 28.33 -37.39
CA HIS B 28 8.70 27.75 -37.92
C HIS B 28 8.87 28.01 -39.41
N GLY B 29 10.03 28.54 -39.77
CA GLY B 29 10.38 28.77 -41.19
C GLY B 29 11.78 29.34 -41.25
N ARG B 30 12.45 29.25 -42.41
CA ARG B 30 13.84 29.77 -42.49
C ARG B 30 13.88 31.28 -42.20
N ASP B 31 14.67 31.65 -41.20
CA ASP B 31 14.84 33.05 -40.77
C ASP B 31 13.58 33.77 -40.29
N ILE B 32 12.55 33.03 -39.91
CA ILE B 32 11.31 33.64 -39.42
C ILE B 32 11.58 34.35 -38.08
N GLY B 33 12.60 33.89 -37.35
CA GLY B 33 13.01 34.53 -36.10
C GLY B 33 13.49 35.96 -36.28
N ARG B 34 13.93 36.27 -37.49
CA ARG B 34 14.41 37.61 -37.86
C ARG B 34 13.27 38.57 -38.19
N MET B 35 12.05 38.05 -38.22
CA MET B 35 10.83 38.79 -38.52
C MET B 35 10.22 39.45 -37.29
N GLU B 36 9.41 40.48 -37.53
CA GLU B 36 8.58 41.10 -36.50
C GLU B 36 7.11 40.89 -36.93
N ALA B 37 6.28 40.40 -36.02
CA ALA B 37 4.86 40.16 -36.30
C ALA B 37 4.02 41.42 -36.09
N ALA B 38 2.97 41.55 -36.90
CA ALA B 38 1.98 42.61 -36.75
C ALA B 38 0.62 42.09 -37.16
N LEU B 39 -0.42 42.59 -36.50
CA LEU B 39 -1.80 42.28 -36.85
C LEU B 39 -2.72 43.40 -36.40
N ASP B 40 -3.93 43.40 -36.94
CA ASP B 40 -4.98 44.32 -36.51
C ASP B 40 -6.30 43.57 -36.61
N TYR B 41 -6.83 43.15 -35.46
CA TYR B 41 -8.14 42.52 -35.41
C TYR B 41 -8.80 42.86 -34.08
N PRO B 42 -10.08 43.30 -34.11
CA PRO B 42 -10.72 43.72 -32.86
C PRO B 42 -10.73 42.61 -31.81
N GLY B 43 -10.34 42.95 -30.59
CA GLY B 43 -10.27 42.00 -29.48
C GLY B 43 -8.98 41.20 -29.34
N VAL B 44 -8.08 41.31 -30.32
CA VAL B 44 -6.83 40.55 -30.31
C VAL B 44 -5.64 41.49 -30.16
N ARG B 45 -4.88 41.28 -29.08
CA ARG B 45 -3.71 42.09 -28.79
C ARG B 45 -2.46 41.29 -29.01
N LEU B 46 -1.48 41.86 -29.71
CA LEU B 46 -0.18 41.26 -29.84
C LEU B 46 0.72 41.80 -28.74
N VAL B 47 1.38 40.89 -28.01
CA VAL B 47 2.21 41.25 -26.86
C VAL B 47 3.58 41.83 -27.31
N SER B 48 4.55 41.87 -26.39
CA SER B 48 5.90 42.33 -26.73
C SER B 48 6.75 41.11 -27.07
N PRO B 49 7.46 41.15 -28.21
CA PRO B 49 8.30 40.03 -28.67
C PRO B 49 9.25 39.50 -27.60
N THR B 50 9.40 38.18 -27.55
CA THR B 50 10.46 37.54 -26.78
C THR B 50 11.20 36.57 -27.72
N ARG B 51 12.43 36.96 -28.10
CA ARG B 51 13.20 36.19 -29.08
C ARG B 51 13.81 34.91 -28.52
N VAL B 52 14.00 33.93 -29.39
CA VAL B 52 14.91 32.81 -29.12
C VAL B 52 16.09 32.92 -30.09
N PRO B 53 17.29 32.46 -29.66
CA PRO B 53 18.48 32.54 -30.53
C PRO B 53 18.39 31.78 -31.87
N ASN B 54 17.49 30.78 -31.97
CA ASN B 54 17.30 30.07 -33.24
C ASN B 54 16.50 30.90 -34.24
N ALA B 55 17.19 31.31 -35.31
CA ALA B 55 16.60 32.14 -36.36
C ALA B 55 15.46 31.48 -37.13
N ASN B 56 15.25 30.17 -36.95
CA ASN B 56 14.19 29.46 -37.67
C ASN B 56 12.87 29.31 -36.93
N TYR B 57 12.79 29.90 -35.74
CA TYR B 57 11.56 29.86 -34.95
C TYR B 57 11.22 31.23 -34.42
N LEU B 58 9.93 31.49 -34.32
CA LEU B 58 9.42 32.70 -33.71
C LEU B 58 8.22 32.33 -32.86
N PHE B 59 8.20 32.81 -31.63
CA PHE B 59 7.06 32.58 -30.76
C PHE B 59 6.27 33.88 -30.65
N VAL B 60 4.98 33.83 -30.99
CA VAL B 60 4.16 35.04 -31.03
C VAL B 60 3.09 34.93 -29.95
N ASP B 61 3.07 35.90 -29.03
CA ASP B 61 2.10 35.90 -27.94
C ASP B 61 0.93 36.85 -28.23
N LEU B 62 -0.26 36.29 -28.17
CA LEU B 62 -1.52 37.00 -28.40
C LEU B 62 -2.37 36.92 -27.14
N GLU B 63 -3.22 37.94 -26.96
CA GLU B 63 -4.24 37.87 -25.94
C GLU B 63 -5.57 38.09 -26.66
N ILE B 64 -6.41 37.07 -26.61
CA ILE B 64 -7.67 37.06 -27.31
C ILE B 64 -8.76 37.39 -26.31
N GLY B 65 -9.22 38.64 -26.37
CA GLY B 65 -10.22 39.15 -25.44
C GLY B 65 -11.55 38.48 -25.69
N PRO B 66 -12.43 38.47 -24.67
CA PRO B 66 -13.75 37.85 -24.84
C PRO B 66 -14.59 38.53 -25.92
N GLU B 67 -14.25 39.76 -26.28
CA GLU B 67 -14.93 40.51 -27.34
C GLU B 67 -14.49 40.15 -28.78
N ALA B 68 -13.39 39.40 -28.90
CA ALA B 68 -12.97 38.89 -30.22
C ALA B 68 -14.04 37.96 -30.78
N GLN B 69 -14.47 38.25 -32.01
CA GLN B 69 -15.49 37.48 -32.73
C GLN B 69 -14.81 36.43 -33.59
N PRO B 70 -15.54 35.34 -33.92
CA PRO B 70 -14.99 34.43 -34.93
C PRO B 70 -14.76 35.19 -36.25
N GLY B 71 -13.66 34.86 -36.92
CA GLY B 71 -13.31 35.47 -38.20
C GLY B 71 -11.85 35.17 -38.48
N SER B 72 -11.23 35.98 -39.34
CA SER B 72 -9.83 35.77 -39.67
C SER B 72 -9.09 37.09 -39.81
N PHE B 73 -7.79 37.02 -39.66
CA PHE B 73 -6.97 38.21 -39.73
C PHE B 73 -5.59 37.79 -40.17
N ASP B 74 -4.92 38.67 -40.89
CA ASP B 74 -3.58 38.39 -41.32
C ASP B 74 -2.57 38.68 -40.21
N ILE B 75 -1.70 37.72 -39.96
CA ILE B 75 -0.49 38.01 -39.18
C ILE B 75 0.63 38.22 -40.19
N VAL B 76 1.20 39.42 -40.16
CA VAL B 76 2.24 39.80 -41.10
C VAL B 76 3.59 39.74 -40.41
N PHE B 77 4.54 39.11 -41.06
CA PHE B 77 5.90 38.95 -40.53
C PHE B 77 6.89 39.72 -41.39
N LYS B 78 7.44 40.80 -40.83
CA LYS B 78 8.30 41.69 -41.60
C LYS B 78 9.71 41.70 -41.05
N GLY B 79 10.68 41.63 -41.95
CA GLY B 79 12.09 41.85 -41.60
C GLY B 79 12.99 41.74 -42.82
N ASP B 80 14.16 42.37 -42.75
CA ASP B 80 15.21 42.26 -43.79
C ASP B 80 14.73 42.61 -45.20
N GLY B 81 13.74 43.48 -45.30
CA GLY B 81 13.22 43.91 -46.61
C GLY B 81 12.19 42.97 -47.21
N ARG B 82 11.75 41.97 -46.44
CA ARG B 82 10.67 41.09 -46.91
C ARG B 82 9.50 41.04 -45.92
N SER B 83 8.37 40.55 -46.41
CA SER B 83 7.20 40.34 -45.57
C SER B 83 6.55 38.99 -45.90
N GLU B 84 6.14 38.28 -44.86
CA GLU B 84 5.44 37.01 -45.00
C GLU B 84 4.11 37.14 -44.27
N ARG B 85 3.09 36.46 -44.77
CA ARG B 85 1.74 36.53 -44.20
C ARG B 85 1.25 35.15 -43.76
N TYR B 86 0.40 35.13 -42.74
CA TYR B 86 -0.38 33.95 -42.40
C TYR B 86 -1.77 34.41 -42.01
N ARG B 87 -2.79 33.95 -42.74
CA ARG B 87 -4.20 34.25 -42.37
C ARG B 87 -4.59 33.37 -41.18
N TYR B 88 -4.78 34.00 -40.03
CA TYR B 88 -5.13 33.27 -38.81
C TYR B 88 -6.63 33.27 -38.59
N ARG B 89 -7.17 32.10 -38.25
CA ARG B 89 -8.60 31.92 -38.08
C ARG B 89 -8.96 31.66 -36.63
N LEU B 90 -9.96 32.39 -36.16
CA LEU B 90 -10.58 32.13 -34.87
C LEU B 90 -11.94 31.51 -35.19
N LEU B 91 -12.09 30.25 -34.82
CA LEU B 91 -13.35 29.56 -35.05
C LEU B 91 -14.37 29.88 -33.97
N ALA B 92 -15.65 29.84 -34.35
CA ALA B 92 -16.74 29.80 -33.36
C ALA B 92 -16.79 28.40 -32.72
N ARG B 93 -16.92 28.37 -31.40
CA ARG B 93 -17.08 27.14 -30.66
C ARG B 93 -18.48 26.56 -30.75
N GLU B 94 -18.58 25.23 -30.76
CA GLU B 94 -19.87 24.55 -30.71
C GLU B 94 -20.62 24.89 -29.43
N GLN B 95 -21.95 24.99 -29.53
CA GLN B 95 -22.78 25.26 -28.37
C GLN B 95 -22.57 24.13 -27.36
N GLY B 96 -22.31 24.50 -26.12
CA GLY B 96 -22.05 23.53 -25.04
C GLY B 96 -20.63 22.96 -25.00
N SER B 97 -19.73 23.49 -25.83
CA SER B 97 -18.37 22.97 -25.90
C SER B 97 -17.67 22.89 -24.54
N ALA B 98 -17.62 23.99 -23.82
CA ALA B 98 -16.86 24.03 -22.56
C ALA B 98 -17.42 23.05 -21.55
N GLN B 99 -18.75 22.89 -21.52
CA GLN B 99 -19.43 22.02 -20.55
C GLN B 99 -19.55 20.56 -20.99
N ARG B 100 -18.90 20.17 -22.09
CA ARG B 100 -18.95 18.77 -22.57
C ARG B 100 -18.82 17.77 -21.43
N GLN B 101 -19.67 16.73 -21.46
CA GLN B 101 -19.64 15.74 -20.40
C GLN B 101 -18.53 14.73 -20.69
N GLY B 102 -17.53 14.70 -19.81
CA GLY B 102 -16.47 13.66 -19.89
C GLY B 102 -16.96 12.26 -19.55
N PHE B 103 -16.21 11.24 -19.98
CA PHE B 103 -16.60 9.88 -19.64
C PHE B 103 -16.63 9.72 -18.14
N GLY B 104 -17.49 8.84 -17.65
CA GLY B 104 -17.64 8.67 -16.21
C GLY B 104 -18.15 7.29 -15.86
N PRO B 105 -18.58 7.09 -14.61
CA PRO B 105 -18.99 5.77 -14.10
C PRO B 105 -20.09 5.06 -14.92
N GLY B 106 -20.95 5.82 -15.60
CA GLY B 106 -21.99 5.21 -16.43
C GLY B 106 -21.49 4.68 -17.79
N ASP B 107 -20.25 5.03 -18.13
CA ASP B 107 -19.67 4.62 -19.40
C ASP B 107 -18.94 3.29 -19.32
N ALA B 108 -18.71 2.69 -20.49
CA ALA B 108 -17.77 1.56 -20.61
C ALA B 108 -16.91 1.83 -21.83
N ILE B 109 -15.59 1.72 -21.66
CA ILE B 109 -14.65 2.13 -22.69
C ILE B 109 -14.15 0.89 -23.46
N TYR B 110 -14.17 0.98 -24.78
CA TYR B 110 -13.57 -0.06 -25.63
C TYR B 110 -12.26 0.50 -26.19
N GLN B 111 -11.18 -0.25 -25.96
CA GLN B 111 -9.84 0.20 -26.35
C GLN B 111 -9.34 -0.55 -27.59
N ILE B 112 -8.83 0.19 -28.55
CA ILE B 112 -8.19 -0.39 -29.74
C ILE B 112 -6.80 0.16 -29.98
N MET B 113 -5.98 -0.60 -30.72
CA MET B 113 -4.83 -0.02 -31.41
C MET B 113 -5.25 0.12 -32.88
N PRO B 114 -5.28 1.36 -33.41
CA PRO B 114 -5.82 1.60 -34.74
C PRO B 114 -5.11 0.77 -35.82
N ASP B 115 -3.80 0.56 -35.71
CA ASP B 115 -3.10 -0.24 -36.73
C ASP B 115 -3.56 -1.71 -36.74
N ARG B 116 -4.12 -2.18 -35.62
CA ARG B 116 -4.34 -3.61 -35.42
C ARG B 116 -5.81 -4.02 -35.37
N PHE B 117 -6.71 -3.05 -35.56
CA PHE B 117 -8.14 -3.31 -35.45
C PHE B 117 -8.80 -3.62 -36.81
N ALA B 118 -8.88 -2.64 -37.72
CA ALA B 118 -9.55 -2.88 -39.01
C ALA B 118 -8.89 -2.09 -40.14
N ASN B 119 -8.51 -2.82 -41.20
CA ASN B 119 -7.91 -2.20 -42.37
C ASN B 119 -9.00 -1.90 -43.38
N GLY B 120 -9.65 -0.74 -43.23
CA GLY B 120 -10.72 -0.37 -44.14
C GLY B 120 -10.23 0.09 -45.51
N ASP B 121 -8.95 0.44 -45.61
CA ASP B 121 -8.39 1.01 -46.83
C ASP B 121 -6.96 0.53 -47.02
N PRO B 122 -6.79 -0.58 -47.76
CA PRO B 122 -5.45 -1.12 -47.98
C PRO B 122 -4.52 -0.15 -48.71
N SER B 123 -5.08 0.81 -49.44
CA SER B 123 -4.23 1.73 -50.21
C SER B 123 -3.39 2.72 -49.38
N ASN B 124 -3.75 2.94 -48.11
CA ASN B 124 -2.95 3.82 -47.26
C ASN B 124 -2.01 3.05 -46.32
N ASP B 125 -1.87 1.73 -46.50
CA ASP B 125 -0.94 0.94 -45.67
C ASP B 125 0.49 1.49 -45.76
N ASN B 126 0.86 1.90 -46.97
CA ASN B 126 2.07 2.64 -47.23
C ASN B 126 1.72 3.98 -47.81
N VAL B 127 2.47 4.99 -47.42
CA VAL B 127 2.28 6.35 -47.94
C VAL B 127 3.64 6.82 -48.44
N ALA B 128 3.64 7.24 -49.71
CA ALA B 128 4.89 7.61 -50.35
C ALA B 128 5.60 8.69 -49.54
N GLY B 129 6.89 8.50 -49.31
CA GLY B 129 7.68 9.44 -48.56
C GLY B 129 7.98 8.93 -47.16
N MET B 130 7.13 8.04 -46.65
CA MET B 130 7.30 7.59 -45.25
C MET B 130 8.42 6.56 -45.06
N ARG B 131 8.89 6.44 -43.82
CA ARG B 131 10.11 5.72 -43.53
C ARG B 131 9.92 4.22 -43.36
N GLU B 132 8.69 3.77 -43.14
CA GLU B 132 8.45 2.36 -42.91
C GLU B 132 7.47 1.76 -43.89
N GLN B 133 7.81 0.57 -44.38
CA GLN B 133 6.92 -0.20 -45.22
C GLN B 133 6.11 -1.17 -44.37
N ALA B 134 4.82 -1.32 -44.70
CA ALA B 134 3.93 -2.25 -43.97
C ALA B 134 4.40 -3.69 -44.08
N ASP B 135 4.15 -4.45 -43.03
CA ASP B 135 4.47 -5.89 -43.02
C ASP B 135 3.56 -6.59 -42.06
N ARG B 136 2.47 -7.17 -42.60
CA ARG B 136 1.45 -7.80 -41.75
C ARG B 136 1.98 -9.00 -40.94
N ARG B 137 3.01 -9.69 -41.46
CA ARG B 137 3.58 -10.86 -40.75
C ARG B 137 4.62 -10.51 -39.68
N HIS B 138 5.06 -9.25 -39.61
CA HIS B 138 6.03 -8.83 -38.61
C HIS B 138 5.29 -8.36 -37.34
N GLY B 139 5.62 -8.96 -36.20
CA GLY B 139 4.96 -8.66 -34.91
C GLY B 139 5.05 -7.20 -34.49
N GLY B 140 6.13 -6.54 -34.91
CA GLY B 140 6.36 -5.13 -34.62
C GLY B 140 6.19 -4.22 -35.83
N GLY B 141 5.61 -4.75 -36.91
CA GLY B 141 5.42 -3.96 -38.12
C GLY B 141 4.07 -3.28 -38.19
N ARG B 142 3.85 -2.47 -39.23
CA ARG B 142 2.53 -1.91 -39.50
C ARG B 142 1.71 -2.93 -40.25
N HIS B 143 0.48 -3.15 -39.77
CA HIS B 143 -0.38 -4.15 -40.41
C HIS B 143 -1.44 -3.55 -41.31
N GLY B 144 -1.70 -2.25 -41.11
CA GLY B 144 -2.52 -1.47 -42.00
C GLY B 144 -3.88 -1.05 -41.48
N GLY B 145 -4.16 -1.23 -40.18
CA GLY B 145 -5.45 -0.79 -39.67
C GLY B 145 -5.52 0.72 -39.79
N ASP B 146 -6.73 1.25 -39.94
CA ASP B 146 -6.89 2.69 -40.21
C ASP B 146 -8.22 3.24 -39.71
N ILE B 147 -8.42 4.54 -39.89
CA ILE B 147 -9.67 5.19 -39.43
C ILE B 147 -10.92 4.69 -40.18
N ARG B 148 -10.83 4.53 -41.52
CA ARG B 148 -11.92 3.95 -42.29
C ARG B 148 -12.38 2.62 -41.69
N GLY B 149 -11.42 1.74 -41.42
CA GLY B 149 -11.68 0.46 -40.75
C GLY B 149 -12.40 0.61 -39.41
N THR B 150 -11.90 1.49 -38.55
CA THR B 150 -12.57 1.79 -37.27
C THR B 150 -14.01 2.29 -37.45
N ILE B 151 -14.18 3.32 -38.29
CA ILE B 151 -15.52 3.83 -38.61
C ILE B 151 -16.47 2.73 -39.11
N ASP B 152 -15.97 1.83 -39.96
CA ASP B 152 -16.75 0.72 -40.52
C ASP B 152 -17.40 -0.12 -39.41
N HIS B 153 -16.76 -0.18 -38.24
CA HIS B 153 -17.15 -1.13 -37.20
C HIS B 153 -17.63 -0.47 -35.90
N LEU B 154 -17.95 0.83 -35.97
CA LEU B 154 -18.56 1.50 -34.81
C LEU B 154 -19.86 0.85 -34.37
N ASP B 155 -20.69 0.43 -35.33
CA ASP B 155 -21.93 -0.29 -35.00
C ASP B 155 -21.65 -1.52 -34.14
N TYR B 156 -20.59 -2.23 -34.47
CA TYR B 156 -20.21 -3.42 -33.70
C TYR B 156 -19.83 -3.02 -32.26
N ILE B 157 -18.99 -2.00 -32.12
CA ILE B 157 -18.52 -1.58 -30.78
C ILE B 157 -19.70 -1.07 -29.93
N ALA B 158 -20.56 -0.24 -30.51
CA ALA B 158 -21.72 0.26 -29.79
C ALA B 158 -22.68 -0.87 -29.47
N GLY B 159 -22.83 -1.82 -30.41
CA GLY B 159 -23.69 -2.98 -30.20
C GLY B 159 -23.28 -3.85 -29.04
N LEU B 160 -21.97 -3.89 -28.74
CA LEU B 160 -21.44 -4.65 -27.61
C LEU B 160 -21.83 -4.03 -26.27
N GLY B 161 -22.23 -2.75 -26.31
CA GLY B 161 -22.63 -2.01 -25.13
C GLY B 161 -21.61 -0.98 -24.66
N PHE B 162 -20.58 -0.71 -25.48
CA PHE B 162 -19.58 0.28 -25.12
C PHE B 162 -20.03 1.68 -25.50
N THR B 163 -19.64 2.63 -24.67
CA THR B 163 -20.07 4.02 -24.85
C THR B 163 -18.94 5.02 -25.07
N GLN B 164 -17.71 4.50 -25.14
CA GLN B 164 -16.55 5.32 -25.39
C GLN B 164 -15.55 4.48 -26.15
N LEU B 165 -14.84 5.11 -27.07
CA LEU B 165 -13.75 4.48 -27.82
C LEU B 165 -12.45 5.16 -27.45
N TRP B 166 -11.47 4.37 -27.00
CA TRP B 166 -10.11 4.87 -26.76
C TRP B 166 -9.17 4.15 -27.73
N PRO B 167 -8.74 4.86 -28.80
CA PRO B 167 -7.64 4.33 -29.61
C PRO B 167 -6.30 4.79 -29.11
N THR B 168 -5.29 3.91 -29.16
CA THR B 168 -3.92 4.34 -28.86
C THR B 168 -3.53 5.42 -29.94
N PRO B 169 -2.44 6.19 -29.73
CA PRO B 169 -2.28 7.43 -30.54
C PRO B 169 -2.27 7.24 -32.06
N LEU B 170 -2.98 8.16 -32.75
CA LEU B 170 -3.03 8.17 -34.23
C LEU B 170 -2.12 9.26 -34.83
N VAL B 171 -1.50 10.08 -33.99
CA VAL B 171 -0.63 11.15 -34.48
C VAL B 171 0.58 10.54 -35.21
N GLU B 172 1.10 11.31 -36.15
CA GLU B 172 2.20 10.86 -36.98
C GLU B 172 3.36 10.25 -36.20
N ASN B 173 3.73 9.03 -36.60
CA ASN B 173 4.91 8.33 -36.08
C ASN B 173 5.75 7.90 -37.28
N ASP B 174 6.48 8.82 -37.89
CA ASP B 174 7.21 8.50 -39.12
C ASP B 174 8.59 7.95 -38.77
N ALA B 175 8.60 6.75 -38.18
CA ALA B 175 9.87 6.11 -37.77
C ALA B 175 10.26 5.05 -38.79
N ALA B 176 11.53 4.66 -38.77
CA ALA B 176 12.00 3.58 -39.68
C ALA B 176 11.55 2.18 -39.24
N ALA B 177 11.25 2.05 -37.95
CA ALA B 177 10.85 0.77 -37.36
C ALA B 177 9.90 1.08 -36.21
N TYR B 178 9.00 0.14 -35.91
CA TYR B 178 8.04 0.26 -34.80
C TYR B 178 7.20 1.54 -34.81
N SER B 179 6.89 2.05 -36.01
CA SER B 179 5.95 3.17 -36.13
C SER B 179 4.52 2.83 -35.70
N TYR B 180 4.15 1.54 -35.69
CA TYR B 180 2.76 1.18 -35.61
C TYR B 180 2.10 1.57 -34.28
N HIS B 181 2.89 1.66 -33.21
CA HIS B 181 2.28 1.75 -31.88
C HIS B 181 1.81 3.17 -31.50
N GLY B 182 2.34 4.18 -32.18
CA GLY B 182 1.85 5.56 -32.00
C GLY B 182 2.48 6.39 -30.88
N TYR B 183 3.28 5.77 -30.01
CA TYR B 183 3.77 6.44 -28.80
C TYR B 183 5.02 7.32 -28.97
N ALA B 184 5.48 7.48 -30.22
CA ALA B 184 6.67 8.28 -30.49
C ALA B 184 6.34 9.33 -31.58
N ALA B 185 5.59 10.36 -31.18
CA ALA B 185 5.04 11.33 -32.15
C ALA B 185 6.15 12.04 -32.93
N THR B 186 5.93 12.17 -34.24
CA THR B 186 6.83 12.97 -35.12
C THR B 186 6.13 14.25 -35.62
N ASP B 187 4.84 14.36 -35.34
CA ASP B 187 4.07 15.58 -35.62
C ASP B 187 2.80 15.54 -34.80
N HIS B 188 2.77 16.35 -33.74
CA HIS B 188 1.62 16.38 -32.80
C HIS B 188 0.34 16.99 -33.41
N TYR B 189 0.48 17.70 -34.52
CA TYR B 189 -0.67 18.31 -35.18
C TYR B 189 -1.15 17.58 -36.43
N ARG B 190 -0.71 16.36 -36.63
CA ARG B 190 -1.09 15.62 -37.83
C ARG B 190 -1.36 14.14 -37.54
N ILE B 191 -2.53 13.65 -37.95
CA ILE B 191 -2.81 12.20 -37.96
C ILE B 191 -1.81 11.53 -38.91
N ASP B 192 -1.27 10.38 -38.50
CA ASP B 192 -0.38 9.64 -39.39
C ASP B 192 -1.17 9.35 -40.69
N PRO B 193 -0.63 9.78 -41.86
CA PRO B 193 -1.33 9.57 -43.14
C PRO B 193 -1.71 8.11 -43.43
N ARG B 194 -1.04 7.15 -42.80
CA ARG B 194 -1.48 5.75 -42.99
C ARG B 194 -2.81 5.42 -42.27
N TYR B 195 -3.19 6.25 -41.30
CA TYR B 195 -4.51 6.10 -40.69
C TYR B 195 -5.58 6.89 -41.43
N GLY B 196 -5.17 8.00 -42.03
CA GLY B 196 -6.11 8.91 -42.71
C GLY B 196 -5.68 10.35 -42.44
N SER B 197 -6.62 11.26 -42.65
CA SER B 197 -6.37 12.70 -42.47
C SER B 197 -6.88 13.21 -41.10
N ASN B 198 -6.50 14.43 -40.73
CA ASN B 198 -7.09 15.11 -39.58
C ASN B 198 -8.62 15.12 -39.68
N GLU B 199 -9.15 15.39 -40.88
CA GLU B 199 -10.59 15.45 -41.10
C GLU B 199 -11.28 14.10 -40.83
N ASP B 200 -10.62 12.99 -41.23
CA ASP B 200 -11.08 11.61 -40.95
C ASP B 200 -11.17 11.37 -39.43
N PHE B 201 -10.22 11.93 -38.68
CA PHE B 201 -10.24 11.81 -37.20
C PHE B 201 -11.45 12.55 -36.59
N VAL B 202 -11.68 13.77 -37.07
CA VAL B 202 -12.93 14.48 -36.71
C VAL B 202 -14.17 13.65 -37.08
N ARG B 203 -14.17 13.06 -38.27
CA ARG B 203 -15.30 12.27 -38.70
C ARG B 203 -15.48 11.01 -37.82
N LEU B 204 -14.37 10.40 -37.41
CA LEU B 204 -14.45 9.30 -36.44
C LEU B 204 -15.21 9.73 -35.16
N SER B 205 -14.87 10.90 -34.63
CA SER B 205 -15.58 11.45 -33.48
C SER B 205 -17.07 11.69 -33.74
N THR B 206 -17.39 12.29 -34.87
CA THR B 206 -18.79 12.60 -35.19
C THR B 206 -19.62 11.35 -35.42
N GLU B 207 -19.03 10.36 -36.11
CA GLU B 207 -19.71 9.08 -36.36
C GLU B 207 -19.89 8.26 -35.08
N ALA B 208 -18.87 8.29 -34.22
CA ALA B 208 -18.99 7.63 -32.91
C ALA B 208 -20.16 8.26 -32.13
N ARG B 209 -20.23 9.60 -32.12
CA ARG B 209 -21.26 10.31 -31.36
C ARG B 209 -22.69 9.98 -31.83
N LYS B 210 -22.85 9.83 -33.14
CA LYS B 210 -24.13 9.43 -33.72
C LYS B 210 -24.59 8.09 -33.16
N ARG B 211 -23.62 7.27 -32.74
CA ARG B 211 -23.92 5.97 -32.15
C ARG B 211 -23.91 5.96 -30.61
N GLY B 212 -23.93 7.13 -29.99
CA GLY B 212 -23.90 7.26 -28.54
C GLY B 212 -22.55 6.98 -27.89
N MET B 213 -21.47 7.10 -28.66
CA MET B 213 -20.12 6.92 -28.11
C MET B 213 -19.29 8.18 -28.12
N GLY B 214 -18.57 8.39 -27.03
CA GLY B 214 -17.53 9.41 -26.97
C GLY B 214 -16.21 8.91 -27.53
N LEU B 215 -15.30 9.85 -27.75
CA LEU B 215 -13.96 9.51 -28.23
C LEU B 215 -12.91 10.06 -27.26
N ILE B 216 -12.03 9.18 -26.81
CA ILE B 216 -10.98 9.50 -25.84
C ILE B 216 -9.65 9.40 -26.55
N GLN B 217 -8.90 10.50 -26.60
CA GLN B 217 -7.61 10.48 -27.26
C GLN B 217 -6.48 10.13 -26.30
N ASP B 218 -5.54 9.33 -26.81
CA ASP B 218 -4.36 8.90 -26.07
C ASP B 218 -3.26 9.91 -26.34
N VAL B 219 -2.82 10.61 -25.28
CA VAL B 219 -1.82 11.66 -25.44
C VAL B 219 -0.53 11.35 -24.70
N VAL B 220 0.57 11.59 -25.38
CA VAL B 220 1.89 11.50 -24.76
C VAL B 220 2.40 12.91 -24.50
N LEU B 221 2.79 13.17 -23.26
CA LEU B 221 3.28 14.48 -22.84
C LEU B 221 4.79 14.49 -22.64
N SER B 222 5.35 13.36 -22.20
CA SER B 222 6.74 13.35 -21.77
C SER B 222 7.77 13.29 -22.92
N HIS B 223 7.40 12.62 -24.01
CA HIS B 223 8.38 12.30 -25.04
C HIS B 223 7.83 12.38 -26.46
N ILE B 224 8.75 12.46 -27.40
CA ILE B 224 8.42 12.42 -28.83
C ILE B 224 9.26 11.29 -29.47
N GLY B 225 9.14 11.09 -30.78
CA GLY B 225 10.01 10.14 -31.50
C GLY B 225 11.27 10.83 -32.00
N LYS B 226 12.33 10.05 -32.17
CA LYS B 226 13.61 10.60 -32.61
C LYS B 226 13.53 11.22 -34.01
N HIS B 227 12.51 10.84 -34.78
CA HIS B 227 12.36 11.36 -36.15
C HIS B 227 11.46 12.59 -36.23
N HIS B 228 11.09 13.13 -35.06
CA HIS B 228 10.31 14.37 -35.05
C HIS B 228 11.15 15.46 -35.74
N TRP B 229 10.51 16.26 -36.57
CA TRP B 229 11.19 17.34 -37.29
C TRP B 229 11.93 18.35 -36.41
N TRP B 230 11.49 18.51 -35.15
CA TRP B 230 12.25 19.32 -34.21
C TRP B 230 13.70 18.87 -34.05
N MET B 231 13.93 17.57 -34.14
CA MET B 231 15.23 17.01 -33.80
C MET B 231 16.32 17.40 -34.80
N LYS B 232 15.89 17.84 -35.99
CA LYS B 232 16.79 18.33 -37.04
C LYS B 232 17.31 19.73 -36.77
N ASP B 233 16.59 20.49 -35.95
CA ASP B 233 16.89 21.90 -35.70
C ASP B 233 16.13 22.29 -34.42
N LEU B 234 16.73 21.96 -33.29
CA LEU B 234 16.10 22.12 -31.96
C LEU B 234 15.66 23.56 -31.76
N PRO B 235 14.35 23.76 -31.46
CA PRO B 235 13.82 25.10 -31.30
C PRO B 235 14.60 25.96 -30.30
N THR B 236 15.02 25.34 -29.19
CA THR B 236 15.90 25.97 -28.22
C THR B 236 16.90 24.89 -27.81
N PRO B 237 18.09 25.28 -27.30
CA PRO B 237 19.07 24.30 -26.83
C PRO B 237 18.57 23.39 -25.71
N ASP B 238 17.58 23.86 -24.94
CA ASP B 238 17.03 23.10 -23.80
C ASP B 238 15.62 22.55 -24.08
N TRP B 239 15.21 22.49 -25.33
CA TRP B 239 13.86 22.01 -25.66
C TRP B 239 13.72 20.54 -25.23
N ILE B 240 14.80 19.80 -25.43
CA ILE B 240 14.89 18.40 -25.09
C ILE B 240 15.79 18.26 -23.87
N ASN B 241 15.35 17.48 -22.88
CA ASN B 241 16.19 17.25 -21.72
C ASN B 241 17.58 16.68 -22.06
N TYR B 242 18.55 17.00 -21.22
CA TYR B 242 19.96 16.57 -21.41
C TYR B 242 20.59 17.06 -22.73
N GLY B 243 20.24 18.30 -23.09
CA GLY B 243 20.76 18.93 -24.31
C GLY B 243 20.43 18.24 -25.63
N GLY B 244 19.34 17.48 -25.66
CA GLY B 244 18.96 16.75 -26.86
C GLY B 244 19.73 15.46 -27.10
N LYS B 245 20.53 15.04 -26.11
CA LYS B 245 21.29 13.78 -26.19
C LYS B 245 20.70 12.72 -25.26
N PHE B 246 20.75 11.48 -25.70
CA PHE B 246 20.18 10.36 -24.95
C PHE B 246 20.82 10.14 -23.56
N VAL B 247 20.01 10.30 -22.51
CA VAL B 247 20.40 9.94 -21.15
C VAL B 247 19.19 9.14 -20.61
N PRO B 248 19.36 7.81 -20.40
CA PRO B 248 18.19 6.98 -20.08
C PRO B 248 17.61 7.22 -18.68
N THR B 249 16.29 7.08 -18.59
CA THR B 249 15.67 6.93 -17.26
C THR B 249 15.89 5.51 -16.75
N GLN B 250 16.00 5.41 -15.42
CA GLN B 250 16.03 4.11 -14.74
C GLN B 250 14.68 3.82 -14.04
N HIS B 251 13.68 4.65 -14.30
CA HIS B 251 12.29 4.35 -13.90
C HIS B 251 12.03 4.29 -12.39
N HIS B 252 12.73 5.15 -11.65
CA HIS B 252 12.47 5.23 -10.19
C HIS B 252 11.23 6.06 -9.90
N ARG B 253 10.06 5.47 -10.19
CA ARG B 253 8.79 6.22 -10.17
C ARG B 253 8.45 6.79 -8.79
N VAL B 254 8.84 6.09 -7.72
CA VAL B 254 8.45 6.63 -6.40
C VAL B 254 9.30 7.86 -6.03
N ALA B 255 10.39 8.13 -6.76
CA ALA B 255 11.27 9.23 -6.40
C ALA B 255 10.62 10.62 -6.46
N VAL B 256 9.53 10.74 -7.23
CA VAL B 256 8.82 12.04 -7.25
C VAL B 256 7.88 12.20 -6.06
N GLN B 257 7.73 11.14 -5.28
CA GLN B 257 6.76 11.16 -4.17
C GLN B 257 7.25 10.37 -2.95
N ASP B 258 8.48 10.68 -2.54
CA ASP B 258 9.17 9.90 -1.51
C ASP B 258 9.91 10.86 -0.58
N PRO B 259 9.62 10.78 0.74
CA PRO B 259 10.28 11.74 1.66
C PRO B 259 11.80 11.56 1.70
N TYR B 260 12.26 10.40 1.29
CA TYR B 260 13.70 10.10 1.32
C TYR B 260 14.37 10.23 -0.06
N ALA B 261 13.66 10.82 -1.02
CA ALA B 261 14.12 10.84 -2.40
C ALA B 261 15.41 11.63 -2.53
N ALA B 262 16.24 11.16 -3.45
CA ALA B 262 17.36 11.92 -4.00
C ALA B 262 16.87 12.73 -5.20
N GLN B 263 17.26 14.00 -5.28
CA GLN B 263 17.02 14.77 -6.50
C GLN B 263 17.55 14.08 -7.76
N ALA B 264 18.65 13.37 -7.65
CA ALA B 264 19.18 12.62 -8.81
C ALA B 264 18.12 11.68 -9.37
N ASP B 265 17.43 10.98 -8.46
CA ASP B 265 16.41 10.02 -8.88
C ASP B 265 15.14 10.66 -9.45
N SER B 266 14.63 11.71 -8.77
CA SER B 266 13.42 12.38 -9.22
C SER B 266 13.65 13.05 -10.60
N GLU B 267 14.79 13.73 -10.73
CA GLU B 267 15.18 14.27 -12.03
C GLU B 267 15.33 13.21 -13.10
N ASN B 268 15.94 12.09 -12.74
CA ASN B 268 16.13 11.01 -13.68
C ASN B 268 14.78 10.44 -14.15
N PHE B 269 13.77 10.48 -13.28
CA PHE B 269 12.46 9.99 -13.67
C PHE B 269 11.72 10.93 -14.63
N THR B 270 11.77 12.24 -14.37
CA THR B 270 11.02 13.19 -15.17
C THR B 270 11.78 13.74 -16.37
N LYS B 271 13.12 13.62 -16.35
CA LYS B 271 13.97 14.15 -17.43
C LYS B 271 14.65 13.07 -18.25
N GLY B 272 14.85 11.91 -17.64
CA GLY B 272 15.47 10.77 -18.31
C GLY B 272 14.70 10.30 -19.53
N TRP B 273 15.42 9.91 -20.57
CA TRP B 273 14.75 9.40 -21.76
C TRP B 273 14.15 8.01 -21.57
N PHE B 274 12.92 7.83 -22.00
CA PHE B 274 12.23 6.53 -21.83
C PHE B 274 13.02 5.39 -22.47
N VAL B 275 13.39 5.62 -23.74
CA VAL B 275 14.33 4.78 -24.49
C VAL B 275 15.07 5.73 -25.42
N GLU B 276 16.15 5.23 -26.03
CA GLU B 276 16.94 6.03 -26.97
C GLU B 276 16.11 6.64 -28.11
N GLY B 277 15.07 5.94 -28.55
CA GLY B 277 14.23 6.41 -29.65
C GLY B 277 13.20 7.46 -29.24
N MET B 278 13.18 7.84 -27.96
CA MET B 278 12.12 8.72 -27.43
C MET B 278 12.67 9.94 -26.69
N PRO B 279 13.11 10.98 -27.45
CA PRO B 279 13.63 12.18 -26.82
C PRO B 279 12.63 12.76 -25.81
N ASP B 280 13.18 13.21 -24.68
CA ASP B 280 12.34 13.64 -23.55
C ASP B 280 12.15 15.14 -23.58
N LEU B 281 10.89 15.59 -23.57
CA LEU B 281 10.56 17.03 -23.58
C LEU B 281 10.85 17.71 -22.25
N ASN B 282 11.56 18.84 -22.34
CA ASN B 282 11.87 19.66 -21.18
C ASN B 282 10.67 20.55 -20.84
N GLN B 283 9.78 20.06 -19.98
CA GLN B 283 8.54 20.77 -19.68
C GLN B 283 8.75 21.89 -18.66
N THR B 284 9.97 22.05 -18.18
CA THR B 284 10.28 23.20 -17.32
C THR B 284 10.51 24.46 -18.17
N ASN B 285 10.69 24.27 -19.47
CA ASN B 285 10.70 25.40 -20.40
C ASN B 285 9.27 25.81 -20.70
N PRO B 286 8.89 27.05 -20.32
CA PRO B 286 7.49 27.48 -20.53
C PRO B 286 6.97 27.35 -21.95
N LEU B 287 7.83 27.44 -22.96
CA LEU B 287 7.44 27.30 -24.36
C LEU B 287 6.99 25.85 -24.64
N VAL B 288 7.69 24.89 -24.03
CA VAL B 288 7.33 23.46 -24.13
C VAL B 288 6.02 23.17 -23.40
N ALA B 289 5.91 23.66 -22.17
CA ALA B 289 4.64 23.54 -21.42
C ALA B 289 3.45 24.10 -22.21
N ASN B 290 3.58 25.36 -22.67
CA ASN B 290 2.53 25.98 -23.48
C ASN B 290 2.19 25.17 -24.71
N TYR B 291 3.22 24.65 -25.37
CA TYR B 291 3.03 23.90 -26.60
C TYR B 291 2.11 22.70 -26.39
N LEU B 292 2.44 21.92 -25.36
CA LEU B 292 1.70 20.68 -25.07
C LEU B 292 0.26 20.94 -24.63
N ILE B 293 0.12 21.91 -23.73
CA ILE B 293 -1.19 22.31 -23.20
C ILE B 293 -2.09 22.76 -24.35
N GLN B 294 -1.58 23.66 -25.19
CA GLN B 294 -2.34 24.13 -26.33
C GLN B 294 -2.65 23.04 -27.33
N ASN B 295 -1.69 22.17 -27.61
CA ASN B 295 -1.93 21.09 -28.58
C ASN B 295 -3.05 20.14 -28.13
N ASN B 296 -3.02 19.73 -26.86
CA ASN B 296 -4.09 18.87 -26.34
C ASN B 296 -5.45 19.56 -26.29
N ILE B 297 -5.47 20.84 -25.93
CA ILE B 297 -6.72 21.59 -25.98
C ILE B 297 -7.23 21.67 -27.45
N TRP B 298 -6.33 21.92 -28.38
CA TRP B 298 -6.66 21.95 -29.80
C TRP B 298 -7.34 20.66 -30.26
N TRP B 299 -6.76 19.50 -29.92
CA TRP B 299 -7.40 18.24 -30.29
C TRP B 299 -8.78 18.06 -29.66
N ILE B 300 -8.94 18.43 -28.39
CA ILE B 300 -10.26 18.31 -27.74
C ILE B 300 -11.33 19.16 -28.46
N GLU B 301 -10.99 20.43 -28.73
CA GLU B 301 -11.95 21.37 -29.33
C GLU B 301 -12.22 21.05 -30.82
N TYR B 302 -11.17 20.64 -31.51
CA TYR B 302 -11.23 20.33 -32.93
C TYR B 302 -11.95 19.02 -33.21
N ALA B 303 -11.62 17.98 -32.43
CA ALA B 303 -12.13 16.63 -32.69
C ALA B 303 -13.34 16.25 -31.83
N GLY B 304 -13.78 17.15 -30.94
CA GLY B 304 -14.95 16.91 -30.11
C GLY B 304 -14.81 15.73 -29.18
N LEU B 305 -13.64 15.66 -28.54
CA LEU B 305 -13.26 14.55 -27.65
C LEU B 305 -14.05 14.58 -26.34
N SER B 306 -14.25 13.41 -25.74
CA SER B 306 -14.92 13.33 -24.45
C SER B 306 -13.96 13.20 -23.28
N GLY B 307 -12.68 13.15 -23.61
CA GLY B 307 -11.66 13.06 -22.58
C GLY B 307 -10.34 12.59 -23.14
N LEU B 308 -9.39 12.35 -22.25
CA LEU B 308 -8.04 11.93 -22.64
C LEU B 308 -7.60 10.77 -21.78
N ARG B 309 -6.71 9.95 -22.37
CA ARG B 309 -5.92 8.98 -21.62
C ARG B 309 -4.48 9.48 -21.75
N ILE B 310 -3.81 9.67 -20.62
CA ILE B 310 -2.53 10.35 -20.61
C ILE B 310 -1.42 9.33 -20.30
N ASP B 311 -0.57 9.11 -21.29
CA ASP B 311 0.48 8.12 -21.23
C ASP B 311 1.57 8.47 -20.20
N THR B 312 2.26 7.46 -19.69
CA THR B 312 3.53 7.67 -18.96
C THR B 312 3.41 8.86 -18.00
N TYR B 313 2.41 8.79 -17.12
CA TYR B 313 1.93 10.01 -16.45
C TYR B 313 3.01 10.74 -15.63
N GLY B 314 3.64 10.03 -14.70
CA GLY B 314 4.64 10.63 -13.81
C GLY B 314 6.00 10.94 -14.43
N TYR B 315 6.20 10.53 -15.69
CA TYR B 315 7.46 10.83 -16.40
C TYR B 315 7.52 12.29 -16.88
N SER B 316 6.42 13.02 -16.72
CA SER B 316 6.42 14.45 -16.98
C SER B 316 6.73 15.23 -15.72
N ASP B 317 7.25 16.44 -15.88
CA ASP B 317 7.58 17.32 -14.76
C ASP B 317 6.34 17.59 -13.91
N GLY B 318 6.50 17.49 -12.59
CA GLY B 318 5.35 17.51 -11.67
C GLY B 318 4.66 18.86 -11.67
N ALA B 319 5.47 19.93 -11.62
CA ALA B 319 4.89 21.27 -11.66
C ALA B 319 4.16 21.51 -13.00
N PHE B 320 4.77 21.06 -14.10
CA PHE B 320 4.09 21.08 -15.40
C PHE B 320 2.75 20.34 -15.35
N LEU B 321 2.73 19.16 -14.73
CA LEU B 321 1.50 18.40 -14.67
C LEU B 321 0.39 19.15 -13.91
N THR B 322 0.74 19.82 -12.82
CA THR B 322 -0.25 20.65 -12.07
C THR B 322 -0.88 21.71 -12.99
N GLU B 323 -0.04 22.41 -13.72
CA GLU B 323 -0.51 23.45 -14.64
C GLU B 323 -1.26 22.91 -15.85
N TYR B 324 -0.77 21.80 -16.43
CA TYR B 324 -1.45 21.19 -17.53
C TYR B 324 -2.88 20.76 -17.12
N THR B 325 -2.97 20.02 -16.02
CA THR B 325 -4.29 19.54 -15.59
C THR B 325 -5.20 20.73 -15.18
N ARG B 326 -4.60 21.75 -14.58
CA ARG B 326 -5.37 22.98 -14.26
C ARG B 326 -5.95 23.61 -15.55
N ARG B 327 -5.08 23.86 -16.53
CA ARG B 327 -5.49 24.45 -17.82
C ARG B 327 -6.59 23.66 -18.52
N LEU B 328 -6.43 22.35 -18.62
CA LEU B 328 -7.41 21.49 -19.28
C LEU B 328 -8.77 21.48 -18.59
N MET B 329 -8.73 21.32 -17.26
CA MET B 329 -9.95 21.25 -16.47
C MET B 329 -10.64 22.62 -16.37
N ALA B 330 -9.86 23.69 -16.51
CA ALA B 330 -10.41 25.04 -16.56
C ALA B 330 -11.22 25.26 -17.84
N GLU B 331 -10.69 24.78 -18.97
CA GLU B 331 -11.42 24.84 -20.23
C GLU B 331 -12.65 23.96 -20.21
N TYR B 332 -12.53 22.75 -19.65
CA TYR B 332 -13.58 21.74 -19.73
C TYR B 332 -13.84 21.16 -18.33
N PRO B 333 -14.64 21.87 -17.52
CA PRO B 333 -14.80 21.49 -16.11
C PRO B 333 -15.40 20.08 -15.85
N ARG B 334 -16.11 19.52 -16.85
CA ARG B 334 -16.74 18.21 -16.70
C ARG B 334 -15.96 17.11 -17.44
N LEU B 335 -14.78 17.45 -17.94
CA LEU B 335 -13.98 16.51 -18.70
C LEU B 335 -13.50 15.41 -17.77
N ASN B 336 -13.19 14.24 -18.36
CA ASN B 336 -12.41 13.27 -17.61
C ASN B 336 -11.08 13.04 -18.33
N MET B 337 -10.03 12.85 -17.56
CA MET B 337 -8.71 12.49 -18.10
C MET B 337 -8.18 11.38 -17.22
N VAL B 338 -7.70 10.30 -17.83
CA VAL B 338 -7.22 9.15 -17.05
C VAL B 338 -5.73 8.98 -17.26
N GLY B 339 -4.95 9.15 -16.18
CA GLY B 339 -3.50 9.08 -16.29
C GLY B 339 -3.05 7.63 -16.12
N GLN B 340 -1.96 7.30 -16.81
CA GLN B 340 -1.33 5.98 -16.66
C GLN B 340 -0.14 6.06 -15.71
N GLU B 341 -0.37 5.80 -14.42
CA GLU B 341 0.73 5.65 -13.48
C GLU B 341 0.86 4.15 -13.26
N TRP B 342 1.83 3.55 -13.94
CA TRP B 342 1.93 2.09 -13.94
C TRP B 342 2.61 1.53 -12.67
N SER B 343 1.84 1.44 -11.57
CA SER B 343 2.29 0.84 -10.32
C SER B 343 1.14 0.02 -9.76
N THR B 344 1.47 -1.10 -9.15
CA THR B 344 0.48 -1.88 -8.43
C THR B 344 0.31 -1.43 -6.95
N ARG B 345 0.97 -0.33 -6.55
CA ARG B 345 0.85 0.18 -5.19
C ARG B 345 -0.22 1.27 -5.13
N VAL B 346 -1.30 1.01 -4.39
CA VAL B 346 -2.36 2.01 -4.28
C VAL B 346 -1.85 3.43 -3.93
N PRO B 347 -0.95 3.57 -2.92
CA PRO B 347 -0.51 4.94 -2.59
C PRO B 347 0.16 5.69 -3.76
N VAL B 348 0.90 4.93 -4.59
CA VAL B 348 1.64 5.55 -5.71
C VAL B 348 0.68 6.09 -6.77
N VAL B 349 -0.42 5.36 -7.03
CA VAL B 349 -1.42 5.77 -7.99
C VAL B 349 -2.27 6.91 -7.40
N ALA B 350 -2.68 6.74 -6.15
CA ALA B 350 -3.62 7.73 -5.51
C ALA B 350 -3.02 9.13 -5.43
N ARG B 351 -1.69 9.22 -5.32
CA ARG B 351 -1.02 10.51 -5.21
C ARG B 351 -1.44 11.55 -6.25
N TRP B 352 -1.79 11.09 -7.45
CA TRP B 352 -2.01 11.96 -8.58
C TRP B 352 -3.46 12.41 -8.75
N GLN B 353 -4.38 11.82 -8.03
CA GLN B 353 -5.81 12.12 -8.31
C GLN B 353 -6.20 13.45 -7.68
N ARG B 354 -6.95 14.23 -8.45
CA ARG B 354 -7.51 15.52 -8.02
C ARG B 354 -8.18 15.32 -6.67
N GLY B 355 -7.88 16.20 -5.72
CA GLY B 355 -8.49 16.15 -4.38
C GLY B 355 -7.62 15.53 -3.31
N LYS B 356 -6.51 14.91 -3.72
CA LYS B 356 -5.68 14.17 -2.77
C LYS B 356 -4.88 15.16 -1.92
N ALA B 357 -4.89 14.95 -0.61
CA ALA B 357 -4.02 15.72 0.29
C ALA B 357 -2.69 14.98 0.46
N ASN B 358 -1.67 15.49 -0.24
CA ASN B 358 -0.35 14.88 -0.29
C ASN B 358 0.56 15.42 0.81
N PHE B 359 1.45 14.56 1.31
CA PHE B 359 2.34 14.87 2.45
C PHE B 359 3.25 16.06 2.13
N ASP B 360 3.58 16.18 0.84
CA ASP B 360 4.45 17.26 0.34
C ASP B 360 3.69 18.45 -0.25
N GLY B 361 2.36 18.45 -0.12
CA GLY B 361 1.51 19.53 -0.62
C GLY B 361 1.33 19.53 -2.15
N TYR B 362 1.79 18.48 -2.83
CA TYR B 362 1.63 18.41 -4.29
C TYR B 362 0.14 18.44 -4.66
N THR B 363 -0.24 19.33 -5.58
CA THR B 363 -1.64 19.41 -6.02
C THR B 363 -1.82 19.03 -7.48
N SER B 364 -2.84 18.25 -7.74
CA SER B 364 -3.11 17.79 -9.09
C SER B 364 -4.56 18.07 -9.45
N HIS B 365 -4.83 18.24 -10.74
CA HIS B 365 -6.21 18.37 -11.23
C HIS B 365 -6.70 17.17 -12.06
N LEU B 366 -5.92 16.09 -12.02
CA LEU B 366 -6.20 14.89 -12.82
C LEU B 366 -7.41 14.12 -12.26
N PRO B 367 -8.49 14.03 -13.03
CA PRO B 367 -9.67 13.32 -12.46
C PRO B 367 -9.56 11.81 -12.22
N SER B 368 -8.79 11.11 -13.03
CA SER B 368 -8.81 9.65 -13.00
C SER B 368 -7.40 9.05 -13.24
N LEU B 369 -7.24 7.82 -12.80
CA LEU B 369 -6.03 7.01 -13.11
C LEU B 369 -6.44 5.59 -13.41
N MET B 370 -5.53 4.88 -14.09
CA MET B 370 -5.69 3.45 -14.39
C MET B 370 -5.51 2.64 -13.10
N ASP B 371 -6.47 1.76 -12.81
CA ASP B 371 -6.42 1.00 -11.55
C ASP B 371 -5.57 -0.28 -11.68
N PHE B 372 -4.28 -0.09 -11.92
CA PHE B 372 -3.34 -1.21 -11.99
C PHE B 372 -3.35 -2.05 -10.70
N PRO B 373 -3.37 -1.41 -9.50
CA PRO B 373 -3.40 -2.24 -8.28
C PRO B 373 -4.56 -3.26 -8.22
N LEU B 374 -5.77 -2.83 -8.60
CA LEU B 374 -6.91 -3.73 -8.47
C LEU B 374 -6.90 -4.79 -9.57
N VAL B 375 -6.46 -4.39 -10.76
CA VAL B 375 -6.38 -5.35 -11.90
C VAL B 375 -5.33 -6.40 -11.56
N ASP B 376 -4.20 -5.96 -11.00
CA ASP B 376 -3.16 -6.89 -10.57
C ASP B 376 -3.71 -7.86 -9.49
N ALA B 377 -4.45 -7.32 -8.53
CA ALA B 377 -5.01 -8.17 -7.45
C ALA B 377 -5.91 -9.29 -8.02
N MET B 378 -6.82 -8.92 -8.92
CA MET B 378 -7.74 -9.91 -9.48
C MET B 378 -6.98 -10.93 -10.37
N ARG B 379 -6.00 -10.46 -11.16
CA ARG B 379 -5.20 -11.38 -11.98
C ARG B 379 -4.43 -12.38 -11.10
N ASN B 380 -3.93 -11.90 -9.97
CA ASN B 380 -3.29 -12.78 -8.98
C ASN B 380 -4.28 -13.80 -8.41
N ALA B 381 -5.47 -13.35 -8.05
CA ALA B 381 -6.48 -14.27 -7.51
C ALA B 381 -6.82 -15.39 -8.48
N LEU B 382 -6.93 -15.04 -9.76
CA LEU B 382 -7.41 -15.98 -10.77
C LEU B 382 -6.27 -16.92 -11.18
N SER B 383 -5.05 -16.42 -11.21
CA SER B 383 -3.88 -17.25 -11.57
C SER B 383 -3.34 -18.13 -10.43
N LYS B 384 -3.36 -17.63 -9.20
CA LYS B 384 -2.75 -18.33 -8.07
C LYS B 384 -3.68 -19.47 -7.60
N THR B 385 -3.92 -20.42 -8.51
CA THR B 385 -4.87 -21.53 -8.31
C THR B 385 -4.51 -22.48 -7.14
N GLY B 386 -3.24 -22.46 -6.72
CA GLY B 386 -2.75 -23.25 -5.60
C GLY B 386 -2.65 -22.47 -4.28
N GLU B 387 -3.45 -21.41 -4.18
CA GLU B 387 -3.59 -20.62 -2.95
C GLU B 387 -5.00 -20.80 -2.42
N GLU B 388 -5.14 -20.94 -1.11
CA GLU B 388 -6.44 -21.26 -0.51
C GLU B 388 -7.45 -20.12 -0.70
N ASN B 389 -6.95 -18.88 -0.78
CA ASN B 389 -7.82 -17.69 -0.64
C ASN B 389 -7.31 -16.47 -1.39
N GLY B 390 -6.89 -16.68 -2.63
CA GLY B 390 -6.32 -15.62 -3.47
C GLY B 390 -7.21 -14.38 -3.63
N LEU B 391 -8.53 -14.58 -3.61
CA LEU B 391 -9.44 -13.43 -3.72
C LEU B 391 -9.26 -12.43 -2.57
N ASN B 392 -8.65 -12.89 -1.48
CA ASN B 392 -8.35 -11.94 -0.37
C ASN B 392 -7.56 -10.73 -0.86
N GLU B 393 -6.68 -10.92 -1.84
CA GLU B 393 -5.94 -9.77 -2.38
C GLU B 393 -6.83 -8.68 -2.97
N VAL B 394 -7.91 -9.10 -3.62
CA VAL B 394 -8.82 -8.19 -4.28
C VAL B 394 -9.58 -7.40 -3.20
N TYR B 395 -10.12 -8.16 -2.24
CA TYR B 395 -10.83 -7.58 -1.09
C TYR B 395 -9.94 -6.56 -0.35
N GLU B 396 -8.72 -6.96 -0.01
CA GLU B 396 -7.86 -6.00 0.73
C GLU B 396 -7.48 -4.76 -0.12
N THR B 397 -7.25 -4.96 -1.42
CA THR B 397 -6.92 -3.83 -2.28
C THR B 397 -8.09 -2.82 -2.34
N LEU B 398 -9.30 -3.36 -2.53
CA LEU B 398 -10.50 -2.53 -2.53
C LEU B 398 -10.67 -1.76 -1.21
N SER B 399 -10.32 -2.40 -0.09
CA SER B 399 -10.44 -1.78 1.25
C SER B 399 -9.57 -0.51 1.33
N LEU B 400 -8.59 -0.39 0.43
CA LEU B 400 -7.72 0.80 0.41
C LEU B 400 -8.30 1.98 -0.40
N ASP B 401 -9.57 1.87 -0.83
CA ASP B 401 -10.13 2.90 -1.69
C ASP B 401 -10.22 4.26 -1.01
N TYR B 402 -10.21 4.28 0.33
CA TYR B 402 -10.19 5.56 1.03
C TYR B 402 -8.95 6.40 0.72
N LEU B 403 -7.90 5.76 0.18
CA LEU B 403 -6.70 6.52 -0.25
C LEU B 403 -6.94 7.42 -1.45
N TYR B 404 -7.97 7.13 -2.24
CA TYR B 404 -8.31 7.93 -3.41
C TYR B 404 -9.39 8.93 -3.08
N PRO B 405 -9.22 10.18 -3.50
CA PRO B 405 -10.35 11.14 -3.33
C PRO B 405 -11.63 10.71 -4.04
N GLU B 406 -11.52 10.04 -5.19
CA GLU B 406 -12.72 9.67 -5.98
C GLU B 406 -12.49 8.29 -6.65
N PRO B 407 -12.49 7.23 -5.86
CA PRO B 407 -12.18 5.89 -6.38
C PRO B 407 -13.17 5.48 -7.46
N GLN B 408 -14.43 5.94 -7.38
CA GLN B 408 -15.41 5.59 -8.42
C GLN B 408 -15.09 6.16 -9.83
N ASN B 409 -14.19 7.13 -9.89
CA ASN B 409 -13.78 7.71 -11.16
C ASN B 409 -12.56 7.05 -11.80
N LEU B 410 -11.97 6.09 -11.08
CA LEU B 410 -10.78 5.37 -11.60
C LEU B 410 -11.23 4.42 -12.70
N VAL B 411 -10.35 4.19 -13.65
CA VAL B 411 -10.61 3.23 -14.72
C VAL B 411 -10.10 1.82 -14.37
N LEU B 412 -11.02 0.88 -14.26
CA LEU B 412 -10.71 -0.53 -14.04
C LEU B 412 -10.77 -1.21 -15.38
N PHE B 413 -9.83 -2.13 -15.66
CA PHE B 413 -9.73 -2.68 -17.02
C PHE B 413 -9.56 -4.19 -17.05
N GLY B 414 -10.07 -4.82 -18.10
CA GLY B 414 -9.91 -6.26 -18.27
C GLY B 414 -8.47 -6.54 -18.67
N GLY B 415 -7.88 -5.58 -19.36
CA GLY B 415 -6.53 -5.70 -19.90
C GLY B 415 -6.29 -4.53 -20.83
N ASN B 416 -5.16 -4.59 -21.53
CA ASN B 416 -4.78 -3.53 -22.46
C ASN B 416 -3.61 -3.99 -23.31
N HIS B 417 -3.08 -3.09 -24.11
CA HIS B 417 -2.07 -3.41 -25.13
C HIS B 417 -0.68 -3.68 -24.52
N ASP B 418 -0.55 -3.50 -23.20
CA ASP B 418 0.75 -3.64 -22.54
C ASP B 418 0.83 -4.89 -21.63
N MET B 419 -0.24 -5.68 -21.58
CA MET B 419 -0.25 -6.81 -20.64
C MET B 419 -0.82 -8.05 -21.29
N ALA B 420 -0.59 -9.20 -20.65
CA ALA B 420 -1.09 -10.47 -21.16
C ALA B 420 -2.58 -10.37 -21.41
N ARG B 421 -3.04 -11.09 -22.43
CA ARG B 421 -4.49 -11.12 -22.73
C ARG B 421 -5.29 -11.61 -21.53
N MET B 422 -6.40 -10.91 -21.28
CA MET B 422 -7.33 -11.23 -20.23
C MET B 422 -7.65 -12.74 -20.12
N PHE B 423 -7.96 -13.37 -21.24
CA PHE B 423 -8.22 -14.82 -21.21
C PHE B 423 -6.99 -15.66 -20.80
N SER B 424 -5.82 -15.29 -21.31
CA SER B 424 -4.57 -15.94 -20.89
C SER B 424 -4.28 -15.69 -19.41
N ALA B 425 -4.57 -14.48 -18.94
CA ALA B 425 -4.37 -14.17 -17.52
C ALA B 425 -5.28 -15.01 -16.60
N ALA B 426 -6.40 -15.48 -17.12
CA ALA B 426 -7.33 -16.38 -16.41
C ALA B 426 -6.95 -17.86 -16.57
N GLY B 427 -5.79 -18.14 -17.13
CA GLY B 427 -5.36 -19.54 -17.40
C GLY B 427 -6.21 -20.23 -18.46
N GLU B 428 -6.83 -19.42 -19.32
CA GLU B 428 -7.73 -19.90 -20.41
C GLU B 428 -8.90 -20.69 -19.80
N ASP B 429 -9.28 -20.30 -18.58
CA ASP B 429 -10.38 -20.92 -17.88
C ASP B 429 -11.57 -20.02 -18.06
N PHE B 430 -12.55 -20.50 -18.85
CA PHE B 430 -13.70 -19.68 -19.17
C PHE B 430 -14.45 -19.24 -17.92
N ASP B 431 -14.53 -20.13 -16.91
CA ASP B 431 -15.28 -19.82 -15.69
C ASP B 431 -14.60 -18.72 -14.89
N ARG B 432 -13.27 -18.81 -14.78
CA ARG B 432 -12.54 -17.73 -14.10
C ARG B 432 -12.60 -16.44 -14.91
N TRP B 433 -12.56 -16.54 -16.25
CA TRP B 433 -12.71 -15.36 -17.11
C TRP B 433 -14.06 -14.65 -16.82
N ARG B 434 -15.15 -15.42 -16.73
CA ARG B 434 -16.48 -14.91 -16.38
C ARG B 434 -16.43 -14.14 -15.06
N MET B 435 -15.72 -14.67 -14.07
CA MET B 435 -15.54 -13.94 -12.80
C MET B 435 -14.86 -12.58 -13.02
N ASN B 436 -13.79 -12.56 -13.80
CA ASN B 436 -13.11 -11.29 -14.09
C ASN B 436 -14.07 -10.32 -14.80
N LEU B 437 -14.86 -10.82 -15.74
CA LEU B 437 -15.77 -9.98 -16.52
C LEU B 437 -16.87 -9.37 -15.66
N VAL B 438 -17.50 -10.21 -14.85
CA VAL B 438 -18.52 -9.75 -13.90
C VAL B 438 -17.94 -8.70 -12.94
N PHE B 439 -16.74 -8.97 -12.42
CA PHE B 439 -16.03 -8.02 -11.53
C PHE B 439 -15.86 -6.65 -12.20
N LEU B 440 -15.35 -6.67 -13.43
CA LEU B 440 -15.12 -5.47 -14.21
C LEU B 440 -16.41 -4.66 -14.37
N MET B 441 -17.51 -5.36 -14.65
CA MET B 441 -18.77 -4.73 -14.95
C MET B 441 -19.61 -4.33 -13.73
N THR B 442 -19.19 -4.71 -12.52
CA THR B 442 -19.98 -4.42 -11.30
C THR B 442 -19.23 -3.60 -10.25
N MET B 443 -17.92 -3.45 -10.41
CA MET B 443 -17.16 -2.64 -9.42
C MET B 443 -17.53 -1.15 -9.47
N PRO B 444 -17.31 -0.41 -8.35
CA PRO B 444 -17.52 1.04 -8.38
C PRO B 444 -16.32 1.73 -9.10
N ARG B 445 -16.30 1.62 -10.43
CA ARG B 445 -15.20 2.08 -11.26
C ARG B 445 -15.79 2.42 -12.62
N ILE B 446 -14.96 3.01 -13.46
CA ILE B 446 -15.27 3.13 -14.89
C ILE B 446 -14.62 1.94 -15.63
N PRO B 447 -15.43 1.02 -16.22
CA PRO B 447 -14.80 -0.18 -16.81
C PRO B 447 -14.23 0.09 -18.21
N GLN B 448 -13.07 -0.50 -18.51
CA GLN B 448 -12.45 -0.40 -19.82
C GLN B 448 -12.11 -1.81 -20.26
N PHE B 449 -12.28 -2.05 -21.54
CA PHE B 449 -12.20 -3.40 -22.12
C PHE B 449 -11.28 -3.30 -23.32
N TYR B 450 -10.47 -4.33 -23.55
CA TYR B 450 -9.48 -4.31 -24.61
C TYR B 450 -9.93 -5.15 -25.79
N SER B 451 -9.98 -4.52 -26.96
CA SER B 451 -10.50 -5.15 -28.18
C SER B 451 -9.87 -6.52 -28.39
N GLY B 452 -10.69 -7.51 -28.67
CA GLY B 452 -10.16 -8.87 -28.87
C GLY B 452 -10.44 -9.74 -27.67
N ASP B 453 -10.56 -9.12 -26.49
CA ASP B 453 -10.86 -9.91 -25.32
C ASP B 453 -12.29 -10.47 -25.36
N GLU B 454 -13.17 -9.86 -26.15
CA GLU B 454 -14.56 -10.36 -26.23
C GLU B 454 -14.66 -11.67 -27.00
N ILE B 455 -13.58 -12.05 -27.69
CA ILE B 455 -13.52 -13.37 -28.32
C ILE B 455 -12.35 -14.19 -27.80
N LEU B 456 -11.91 -13.89 -26.59
CA LEU B 456 -10.94 -14.73 -25.87
C LEU B 456 -9.61 -14.88 -26.61
N MET B 457 -9.15 -13.81 -27.27
CA MET B 457 -7.81 -13.83 -27.84
C MET B 457 -6.78 -14.14 -26.75
N THR B 458 -5.71 -14.83 -27.14
CA THR B 458 -4.71 -15.25 -26.17
C THR B 458 -3.33 -14.72 -26.52
N SER B 459 -2.43 -14.85 -25.54
CA SER B 459 -1.07 -14.33 -25.70
C SER B 459 -0.13 -15.14 -24.83
N THR B 460 1.13 -14.76 -24.84
CA THR B 460 2.06 -15.21 -23.80
C THR B 460 1.63 -14.65 -22.44
N VAL B 461 2.16 -15.23 -21.37
CA VAL B 461 1.72 -14.86 -20.01
C VAL B 461 2.78 -14.13 -19.20
N LYS B 462 4.05 -14.41 -19.47
CA LYS B 462 5.12 -13.93 -18.58
C LYS B 462 5.86 -12.77 -19.16
N GLY B 463 6.29 -11.85 -18.27
CA GLY B 463 7.16 -10.75 -18.65
C GLY B 463 6.50 -9.78 -19.62
N ARG B 464 7.32 -9.12 -20.45
CA ARG B 464 6.83 -8.11 -21.39
C ARG B 464 7.01 -8.61 -22.81
N ASP B 465 5.90 -8.74 -23.55
CA ASP B 465 5.92 -9.30 -24.88
C ASP B 465 4.86 -8.58 -25.73
N ASP B 466 5.11 -7.29 -25.99
CA ASP B 466 4.15 -6.40 -26.64
C ASP B 466 3.47 -6.99 -27.86
N ALA B 467 4.25 -7.56 -28.78
CA ALA B 467 3.66 -8.07 -30.03
C ALA B 467 2.57 -9.11 -29.74
N SER B 468 2.75 -9.90 -28.69
CA SER B 468 1.80 -10.96 -28.36
C SER B 468 0.41 -10.45 -27.98
N TYR B 469 0.35 -9.21 -27.48
CA TYR B 469 -0.88 -8.64 -26.96
C TYR B 469 -1.68 -7.87 -28.02
N ARG B 470 -1.16 -7.81 -29.26
CA ARG B 470 -1.63 -6.84 -30.25
C ARG B 470 -1.90 -7.51 -31.60
N ARG B 471 -2.25 -8.80 -31.55
CA ARG B 471 -2.57 -9.53 -32.79
C ARG B 471 -3.79 -8.91 -33.49
N ASP B 472 -3.79 -9.00 -34.82
CA ASP B 472 -4.87 -8.39 -35.60
C ASP B 472 -6.24 -8.86 -35.18
N PHE B 473 -7.17 -7.91 -35.09
CA PHE B 473 -8.55 -8.26 -34.79
C PHE B 473 -9.13 -9.17 -35.89
N PRO B 474 -9.66 -10.34 -35.50
CA PRO B 474 -10.22 -11.26 -36.52
C PRO B 474 -11.43 -10.65 -37.23
N GLY B 475 -11.30 -10.44 -38.55
CA GLY B 475 -12.33 -9.79 -39.36
C GLY B 475 -11.92 -8.39 -39.79
N GLY B 476 -10.84 -7.86 -39.21
CA GLY B 476 -10.33 -6.53 -39.60
C GLY B 476 -9.69 -6.44 -40.99
N TRP B 477 -9.41 -7.59 -41.61
CA TRP B 477 -8.70 -7.64 -42.90
C TRP B 477 -9.47 -8.49 -43.91
N ALA B 478 -9.54 -8.01 -45.15
CA ALA B 478 -10.14 -8.77 -46.22
C ALA B 478 -9.50 -10.17 -46.25
N GLY B 479 -10.33 -11.21 -46.34
CA GLY B 479 -9.82 -12.57 -46.46
C GLY B 479 -9.70 -13.34 -45.15
N ASP B 480 -9.93 -12.65 -44.02
CA ASP B 480 -9.87 -13.31 -42.71
C ASP B 480 -10.87 -14.48 -42.61
N LYS B 481 -10.39 -15.64 -42.16
CA LYS B 481 -11.26 -16.83 -42.04
C LYS B 481 -11.95 -16.97 -40.68
N ALA B 482 -11.51 -16.19 -39.69
CA ALA B 482 -12.26 -16.00 -38.44
C ALA B 482 -12.62 -14.53 -38.44
N ASN B 483 -13.89 -14.23 -38.22
CA ASN B 483 -14.37 -12.87 -38.30
C ASN B 483 -15.29 -12.61 -37.13
N ALA B 484 -14.82 -11.83 -36.15
CA ALA B 484 -15.62 -11.54 -34.96
C ALA B 484 -16.79 -10.59 -35.22
N PHE B 485 -16.68 -9.79 -36.28
CA PHE B 485 -17.76 -8.85 -36.63
C PHE B 485 -19.01 -9.58 -37.12
N SER B 486 -18.80 -10.63 -37.89
CA SER B 486 -19.90 -11.44 -38.45
C SER B 486 -20.16 -12.74 -37.67
N GLY B 487 -19.16 -13.25 -36.97
CA GLY B 487 -19.30 -14.47 -36.19
C GLY B 487 -18.69 -15.67 -36.89
N ALA B 488 -18.34 -15.49 -38.17
CA ALA B 488 -17.77 -16.57 -38.96
C ALA B 488 -16.47 -17.10 -38.35
N GLY B 489 -16.39 -18.41 -38.13
CA GLY B 489 -15.15 -19.04 -37.66
C GLY B 489 -14.85 -18.97 -36.18
N LEU B 490 -15.73 -18.32 -35.40
CA LEU B 490 -15.57 -18.35 -33.94
C LEU B 490 -15.96 -19.72 -33.40
N THR B 491 -15.20 -20.21 -32.42
CA THR B 491 -15.62 -21.40 -31.68
C THR B 491 -16.88 -21.08 -30.86
N SER B 492 -17.62 -22.12 -30.46
CA SER B 492 -18.77 -21.94 -29.54
C SER B 492 -18.37 -21.11 -28.30
N GLN B 493 -17.19 -21.41 -27.75
CA GLN B 493 -16.75 -20.70 -26.55
C GLN B 493 -16.43 -19.24 -26.81
N GLN B 494 -15.76 -18.96 -27.92
CA GLN B 494 -15.47 -17.58 -28.32
C GLN B 494 -16.75 -16.79 -28.54
N ARG B 495 -17.70 -17.39 -29.24
CA ARG B 495 -19.00 -16.73 -29.43
C ARG B 495 -19.76 -16.49 -28.10
N ALA B 496 -19.70 -17.47 -27.19
CA ALA B 496 -20.33 -17.34 -25.88
C ALA B 496 -19.70 -16.18 -25.11
N ALA B 497 -18.38 -16.06 -25.21
CA ALA B 497 -17.70 -14.93 -24.56
C ALA B 497 -18.22 -13.59 -25.10
N GLN B 498 -18.31 -13.52 -26.43
CA GLN B 498 -18.75 -12.30 -27.09
C GLN B 498 -20.20 -11.96 -26.70
N ASP B 499 -21.06 -12.98 -26.69
CA ASP B 499 -22.44 -12.80 -26.27
C ASP B 499 -22.54 -12.30 -24.82
N LEU B 500 -21.68 -12.85 -23.96
CA LEU B 500 -21.68 -12.45 -22.54
C LEU B 500 -21.23 -11.01 -22.35
N VAL B 501 -20.19 -10.61 -23.09
CA VAL B 501 -19.76 -9.20 -23.07
C VAL B 501 -20.91 -8.27 -23.48
N ARG B 502 -21.56 -8.60 -24.58
CA ARG B 502 -22.73 -7.84 -25.06
C ARG B 502 -23.81 -7.79 -23.98
N LYS B 503 -24.11 -8.93 -23.36
CA LYS B 503 -25.19 -9.05 -22.39
C LYS B 503 -24.87 -8.18 -21.17
N LEU B 504 -23.65 -8.33 -20.63
CA LEU B 504 -23.30 -7.57 -19.44
C LEU B 504 -23.08 -6.08 -19.68
N ALA B 505 -22.40 -5.73 -20.76
CA ALA B 505 -22.15 -4.30 -21.01
C ALA B 505 -23.48 -3.56 -21.27
N ASN B 506 -24.36 -4.14 -22.08
CA ASN B 506 -25.67 -3.47 -22.29
C ASN B 506 -26.50 -3.42 -21.00
N TRP B 507 -26.47 -4.47 -20.20
CA TRP B 507 -27.14 -4.47 -18.90
C TRP B 507 -26.59 -3.35 -18.02
N ARG B 508 -25.26 -3.24 -17.97
CA ARG B 508 -24.59 -2.25 -17.08
C ARG B 508 -25.01 -0.82 -17.42
N LYS B 509 -25.17 -0.53 -18.71
CA LYS B 509 -25.59 0.81 -19.17
C LYS B 509 -26.83 1.28 -18.46
N ASN B 510 -27.74 0.33 -18.16
CA ASN B 510 -29.02 0.66 -17.51
C ASN B 510 -29.11 0.28 -16.02
N GLN B 511 -27.94 0.22 -15.35
CA GLN B 511 -27.90 -0.07 -13.91
C GLN B 511 -27.22 1.06 -13.15
N PRO B 512 -28.00 2.14 -12.88
CA PRO B 512 -27.49 3.25 -12.04
C PRO B 512 -26.89 2.81 -10.71
N VAL B 513 -27.37 1.70 -10.12
CA VAL B 513 -26.79 1.23 -8.85
C VAL B 513 -25.30 0.86 -9.03
N ILE B 514 -24.93 0.39 -10.22
CA ILE B 514 -23.51 0.10 -10.46
C ILE B 514 -22.71 1.42 -10.69
N HIS B 515 -23.35 2.41 -11.32
CA HIS B 515 -22.66 3.70 -11.59
C HIS B 515 -22.40 4.53 -10.34
N ASN B 516 -23.31 4.48 -9.36
CA ASN B 516 -23.21 5.40 -8.21
C ASN B 516 -23.69 4.83 -6.89
N GLY B 517 -24.03 3.54 -6.88
CA GLY B 517 -24.46 2.86 -5.67
C GLY B 517 -23.34 2.65 -4.67
N ARG B 518 -23.71 2.29 -3.45
CA ARG B 518 -22.72 1.89 -2.45
C ARG B 518 -22.18 0.49 -2.78
N LEU B 519 -21.05 0.15 -2.15
CA LEU B 519 -20.50 -1.20 -2.24
C LEU B 519 -20.36 -1.71 -0.82
N MET B 520 -20.86 -2.90 -0.55
CA MET B 520 -20.46 -3.59 0.67
C MET B 520 -19.93 -4.94 0.25
N HIS B 521 -18.68 -5.23 0.61
CA HIS B 521 -18.10 -6.55 0.33
C HIS B 521 -17.85 -7.31 1.62
N PHE B 522 -17.74 -8.63 1.51
CA PHE B 522 -17.42 -9.48 2.64
C PHE B 522 -16.05 -10.09 2.43
N GLY B 523 -15.32 -10.31 3.53
CA GLY B 523 -13.98 -10.91 3.44
C GLY B 523 -14.12 -12.27 2.74
N PRO B 524 -13.32 -12.54 1.69
CA PRO B 524 -13.35 -13.87 1.08
C PRO B 524 -12.89 -14.94 2.03
N GLU B 525 -13.51 -16.11 1.91
CA GLU B 525 -13.18 -17.26 2.74
C GLU B 525 -13.05 -18.47 1.85
N GLU B 526 -11.88 -19.10 1.88
CA GLU B 526 -11.60 -20.25 1.02
C GLU B 526 -11.91 -19.97 -0.46
N ASN B 527 -11.52 -18.77 -0.90
CA ASN B 527 -11.65 -18.39 -2.31
C ASN B 527 -13.10 -18.32 -2.81
N THR B 528 -14.00 -18.05 -1.86
CA THR B 528 -15.38 -17.65 -2.22
C THR B 528 -15.49 -16.19 -1.80
N TRP B 529 -16.24 -15.42 -2.56
CA TRP B 529 -16.35 -13.99 -2.31
C TRP B 529 -17.77 -13.52 -2.65
N VAL B 530 -18.32 -12.70 -1.76
CA VAL B 530 -19.66 -12.13 -1.91
C VAL B 530 -19.59 -10.64 -1.69
N TYR B 531 -20.19 -9.88 -2.60
CA TYR B 531 -20.33 -8.43 -2.41
C TYR B 531 -21.63 -7.93 -3.00
N PHE B 532 -22.00 -6.70 -2.64
CA PHE B 532 -23.27 -6.12 -3.06
C PHE B 532 -23.05 -4.67 -3.53
N ARG B 533 -23.74 -4.30 -4.59
CA ARG B 533 -23.89 -2.89 -4.96
C ARG B 533 -25.32 -2.57 -4.52
N TYR B 534 -25.51 -1.41 -3.89
CA TYR B 534 -26.84 -1.17 -3.31
C TYR B 534 -27.18 0.29 -3.16
N ASN B 535 -28.48 0.58 -3.27
CA ASN B 535 -29.02 1.91 -2.93
C ASN B 535 -30.50 1.71 -2.60
N LYS B 536 -31.25 2.78 -2.44
CA LYS B 536 -32.67 2.63 -2.08
C LYS B 536 -33.50 1.93 -3.16
N ASP B 537 -33.00 1.90 -4.40
CA ASP B 537 -33.73 1.34 -5.55
C ASP B 537 -33.46 -0.14 -5.79
N LYS B 538 -32.22 -0.59 -5.56
CA LYS B 538 -31.82 -1.92 -6.00
C LYS B 538 -30.65 -2.46 -5.16
N ARG B 539 -30.61 -3.78 -5.01
CA ARG B 539 -29.38 -4.49 -4.61
C ARG B 539 -28.93 -5.36 -5.78
N ILE B 540 -27.61 -5.38 -6.03
CA ILE B 540 -27.08 -6.39 -6.95
C ILE B 540 -26.05 -7.19 -6.14
N MET B 541 -26.30 -8.48 -6.01
CA MET B 541 -25.42 -9.36 -5.29
C MET B 541 -24.52 -10.09 -6.29
N VAL B 542 -23.22 -10.09 -6.02
CA VAL B 542 -22.26 -10.92 -6.77
C VAL B 542 -21.69 -11.95 -5.81
N ALA B 543 -21.70 -13.22 -6.23
CA ALA B 543 -21.06 -14.28 -5.41
C ALA B 543 -20.23 -15.13 -6.34
N MET B 544 -18.98 -15.39 -5.98
CA MET B 544 -18.15 -16.23 -6.82
C MET B 544 -17.48 -17.31 -6.01
N ASN B 545 -17.29 -18.46 -6.66
CA ASN B 545 -16.63 -19.57 -6.05
C ASN B 545 -15.41 -19.98 -6.88
N ASN B 546 -14.24 -19.50 -6.46
CA ASN B 546 -13.00 -19.70 -7.21
C ASN B 546 -12.32 -21.00 -6.73
N ASN B 547 -13.06 -22.09 -6.88
CA ASN B 547 -12.60 -23.47 -6.50
C ASN B 547 -13.20 -24.47 -7.49
N ASP B 548 -12.51 -25.59 -7.71
CA ASP B 548 -13.05 -26.62 -8.59
C ASP B 548 -13.99 -27.62 -7.87
N LYS B 549 -14.36 -27.30 -6.64
CA LYS B 549 -15.34 -28.06 -5.87
C LYS B 549 -16.54 -27.15 -5.48
N PRO B 550 -17.71 -27.75 -5.18
CA PRO B 550 -18.85 -26.95 -4.75
C PRO B 550 -18.61 -26.33 -3.39
N MET B 551 -19.21 -25.17 -3.15
CA MET B 551 -19.11 -24.56 -1.84
C MET B 551 -20.48 -24.19 -1.34
N THR B 552 -20.69 -24.34 -0.04
CA THR B 552 -21.97 -23.98 0.59
C THR B 552 -21.71 -22.93 1.66
N LEU B 553 -22.27 -21.74 1.46
CA LEU B 553 -22.04 -20.60 2.36
C LEU B 553 -23.28 -20.29 3.17
N PRO B 554 -23.22 -20.45 4.50
CA PRO B 554 -24.39 -20.05 5.30
C PRO B 554 -24.75 -18.58 5.05
N THR B 555 -26.03 -18.29 4.84
CA THR B 555 -26.42 -16.92 4.50
C THR B 555 -26.65 -15.97 5.69
N ALA B 556 -26.61 -16.53 6.92
CA ALA B 556 -26.65 -15.71 8.13
C ALA B 556 -25.61 -14.60 8.06
N ARG B 557 -24.44 -14.96 7.54
CA ARG B 557 -23.32 -14.05 7.42
C ARG B 557 -23.65 -12.72 6.72
N PHE B 558 -24.53 -12.80 5.71
CA PHE B 558 -24.73 -11.69 4.81
C PHE B 558 -26.03 -10.97 5.06
N GLN B 559 -26.64 -11.22 6.21
CA GLN B 559 -27.99 -10.70 6.45
C GLN B 559 -28.08 -9.18 6.49
N GLU B 560 -26.99 -8.47 6.75
CA GLU B 560 -27.10 -7.00 6.72
C GLU B 560 -27.41 -6.45 5.34
N MET B 561 -27.14 -7.28 4.32
CA MET B 561 -27.43 -6.95 2.94
C MET B 561 -28.65 -7.72 2.43
N LEU B 562 -28.79 -8.99 2.85
CA LEU B 562 -29.88 -9.84 2.34
C LEU B 562 -31.22 -9.58 3.00
N LYS B 563 -31.18 -9.26 4.29
CA LYS B 563 -32.40 -8.97 5.09
C LYS B 563 -33.55 -9.96 4.83
N GLY B 564 -33.23 -11.24 4.90
CA GLY B 564 -34.22 -12.31 4.78
C GLY B 564 -34.65 -12.72 3.39
N ALA B 565 -34.02 -12.15 2.35
CA ALA B 565 -34.36 -12.55 0.95
C ALA B 565 -34.31 -14.07 0.82
N PRO B 566 -35.43 -14.70 0.38
CA PRO B 566 -35.41 -16.16 0.29
C PRO B 566 -34.68 -16.74 -0.92
N SER B 567 -34.57 -15.95 -1.99
CA SER B 567 -34.01 -16.41 -3.25
C SER B 567 -33.84 -15.22 -4.17
N GLY B 568 -33.21 -15.48 -5.33
CA GLY B 568 -33.14 -14.49 -6.40
C GLY B 568 -32.87 -15.20 -7.72
N VAL B 569 -32.90 -14.46 -8.83
CA VAL B 569 -32.58 -15.01 -10.13
C VAL B 569 -31.17 -14.55 -10.50
N ASP B 570 -30.33 -15.50 -10.88
CA ASP B 570 -29.01 -15.19 -11.42
C ASP B 570 -29.18 -14.62 -12.84
N PHE B 571 -28.84 -13.35 -13.02
CA PHE B 571 -28.86 -12.72 -14.35
C PHE B 571 -28.09 -13.51 -15.43
N LEU B 572 -26.99 -14.15 -15.04
CA LEU B 572 -26.13 -14.79 -16.01
C LEU B 572 -26.76 -16.04 -16.60
N SER B 573 -27.01 -17.02 -15.73
CA SER B 573 -27.53 -18.30 -16.18
C SER B 573 -29.04 -18.28 -16.34
N GLY B 574 -29.69 -17.29 -15.73
CA GLY B 574 -31.14 -17.20 -15.64
C GLY B 574 -31.74 -18.15 -14.62
N LYS B 575 -30.89 -18.91 -13.90
CA LYS B 575 -31.38 -19.86 -12.87
C LYS B 575 -31.80 -19.17 -11.57
N THR B 576 -32.74 -19.77 -10.86
CA THR B 576 -33.07 -19.32 -9.50
C THR B 576 -31.99 -19.80 -8.55
N VAL B 577 -31.68 -18.96 -7.56
CA VAL B 577 -30.63 -19.24 -6.57
C VAL B 577 -31.22 -19.08 -5.17
N GLY B 578 -31.23 -20.15 -4.40
CA GLY B 578 -31.73 -20.13 -3.03
C GLY B 578 -30.85 -19.26 -2.14
N LEU B 579 -31.47 -18.48 -1.26
CA LEU B 579 -30.73 -17.64 -0.30
C LEU B 579 -31.16 -17.76 1.18
N GLY B 580 -32.15 -18.62 1.43
CA GLY B 580 -32.78 -18.68 2.74
C GLY B 580 -31.86 -19.00 3.92
N ARG B 581 -31.13 -20.10 3.81
CA ARG B 581 -30.27 -20.57 4.89
C ARG B 581 -28.84 -20.79 4.42
N GLU B 582 -28.71 -21.20 3.16
CA GLU B 582 -27.39 -21.44 2.57
C GLU B 582 -27.37 -21.04 1.11
N LEU B 583 -26.20 -20.59 0.67
CA LEU B 583 -25.97 -20.28 -0.74
C LEU B 583 -25.08 -21.39 -1.27
N ARG B 584 -25.61 -22.19 -2.20
CA ARG B 584 -24.89 -23.30 -2.83
C ARG B 584 -24.29 -22.84 -4.13
N LEU B 585 -22.96 -22.80 -4.18
CA LEU B 585 -22.26 -22.38 -5.40
C LEU B 585 -21.60 -23.58 -6.08
N ALA B 586 -21.90 -23.74 -7.37
CA ALA B 586 -21.26 -24.79 -8.18
C ALA B 586 -19.77 -24.46 -8.29
N PRO B 587 -18.92 -25.48 -8.60
CA PRO B 587 -17.51 -25.19 -8.88
C PRO B 587 -17.34 -24.04 -9.90
N LYS B 588 -16.40 -23.15 -9.60
CA LYS B 588 -16.00 -22.07 -10.49
C LYS B 588 -17.19 -21.24 -10.99
N SER B 589 -18.17 -21.03 -10.13
CA SER B 589 -19.36 -20.28 -10.52
C SER B 589 -19.28 -18.81 -10.11
N VAL B 590 -20.01 -17.97 -10.84
CA VAL B 590 -20.27 -16.60 -10.42
C VAL B 590 -21.74 -16.38 -10.75
N VAL B 591 -22.44 -15.77 -9.81
CA VAL B 591 -23.84 -15.39 -9.98
C VAL B 591 -23.98 -13.91 -9.74
N VAL B 592 -24.97 -13.32 -10.40
CA VAL B 592 -25.29 -11.89 -10.31
C VAL B 592 -26.80 -11.79 -10.09
N ILE B 593 -27.19 -11.37 -8.90
CA ILE B 593 -28.61 -11.46 -8.46
C ILE B 593 -29.14 -10.09 -8.14
N GLU B 594 -30.26 -9.74 -8.78
CA GLU B 594 -30.90 -8.46 -8.57
C GLU B 594 -31.99 -8.63 -7.51
N LEU B 595 -32.04 -7.72 -6.55
CA LEU B 595 -33.01 -7.76 -5.47
C LEU B 595 -33.57 -6.34 -5.29
N PRO B 596 -34.77 -6.21 -4.71
CA PRO B 596 -35.30 -4.86 -4.48
C PRO B 596 -34.41 -4.04 -3.53
N GLY B 597 -34.51 -2.73 -3.61
CA GLY B 597 -33.75 -1.85 -2.71
C GLY B 597 -34.10 -2.08 -1.23
N LEU B 598 -33.16 -1.81 -0.35
CA LEU B 598 -33.40 -1.90 1.09
C LEU B 598 -34.21 -0.68 1.61
N PRO B 599 -35.11 -0.90 2.59
CA PRO B 599 -35.76 0.23 3.28
C PRO B 599 -34.74 1.19 3.93
#